data_2IWZ
#
_entry.id   2IWZ
#
_cell.length_a   71.912
_cell.length_b   95.920
_cell.length_c   114.637
_cell.angle_alpha   90.00
_cell.angle_beta   90.00
_cell.angle_gamma   90.00
#
_symmetry.space_group_name_H-M   'P 21 21 21'
#
loop_
_entity.id
_entity.type
_entity.pdbx_description
1 polymer '3-OXOACYL-[ACYL-CARRIER-PROTEIN] SYNTHASE'
2 non-polymer 'HEXANOIC ACID'
3 non-polymer 'AMMONIUM ION'
4 water water
#
_entity_poly.entity_id   1
_entity_poly.type   'polypeptide(L)'
_entity_poly.pdbx_seq_one_letter_code
;MRGSHHHHHHGSIEGRSRLHRRVVITGIGLVTPLGVGTHLVWDRLIGGESGIVSLVGEEYKSIPCSVAAYVPRGSDEGQF
NEQNFVSKSDIKSMSSPTIMAIGAAELAMKDSGWHPQSEADQVATGVAIGMGMIPLEVVSETALNFQTKGYNKVSPFFVP
KILVNMAAGQVSIRYKLKGPNHAVSTACTTGAHAVGDSFRFIAHGDADVMVAGGTDSCISPLSLAGFSRARALSTNSDPK
LACRPFHPKRDGFVMGEGAAVLVLEEYEHAVQRRARIYAEVLGYGLSGDAGHITAPDPEGEGALRCMAAALKDAGVQPEE
ISYINAHATSTPLGDAAENKAIKHLFKDHAYALAVSSTKGATGHLLGAAGAVEAAFTTLACYYQKLPPTLNLDCSEPEFD
LNYVPLKAQEWKTEKRFIGLTNSFGFGGTNATLCIAGL
;
_entity_poly.pdbx_strand_id   A,B
#
loop_
_chem_comp.id
_chem_comp.type
_chem_comp.name
_chem_comp.formula
6NA non-polymer 'HEXANOIC ACID' 'C6 H12 O2'
NH4 non-polymer 'AMMONIUM ION' 'H4 N 1'
#
# COMPACT_ATOMS: atom_id res chain seq x y z
N ILE A 13 -16.71 -19.86 -17.29
CA ILE A 13 -15.23 -19.66 -17.16
C ILE A 13 -14.86 -18.19 -17.40
N GLU A 14 -15.64 -17.50 -18.23
CA GLU A 14 -15.33 -16.12 -18.61
C GLU A 14 -15.80 -15.08 -17.59
N GLY A 15 -16.63 -15.51 -16.64
CA GLY A 15 -17.13 -14.67 -15.57
C GLY A 15 -18.60 -14.30 -15.63
N ARG A 16 -18.98 -13.39 -14.74
CA ARG A 16 -20.37 -13.02 -14.51
C ARG A 16 -20.47 -11.49 -14.48
N SER A 17 -21.56 -10.93 -15.02
CA SER A 17 -21.85 -9.49 -14.94
C SER A 17 -22.17 -9.07 -13.51
N ARG A 18 -21.63 -7.92 -13.08
CA ARG A 18 -21.93 -7.39 -11.75
C ARG A 18 -22.15 -5.89 -11.87
N LEU A 19 -22.95 -5.34 -10.96
CA LEU A 19 -23.15 -3.90 -10.88
C LEU A 19 -21.84 -3.18 -10.62
N HIS A 20 -21.58 -2.15 -11.40
CA HIS A 20 -20.41 -1.28 -11.23
C HIS A 20 -20.92 0.14 -10.99
N ARG A 21 -20.81 0.62 -9.74
CA ARG A 21 -21.49 1.85 -9.33
C ARG A 21 -20.70 3.08 -9.70
N ARG A 22 -21.41 4.20 -9.79
CA ARG A 22 -20.76 5.49 -10.00
C ARG A 22 -20.25 6.09 -8.69
N VAL A 23 -19.16 6.84 -8.80
CA VAL A 23 -18.44 7.36 -7.65
C VAL A 23 -18.16 8.85 -7.84
N VAL A 24 -18.49 9.63 -6.82
CA VAL A 24 -18.27 11.07 -6.87
C VAL A 24 -17.43 11.53 -5.70
N ILE A 25 -16.93 12.76 -5.78
CA ILE A 25 -16.13 13.37 -4.70
C ILE A 25 -16.93 14.49 -4.04
N THR A 26 -17.15 14.37 -2.73
CA THR A 26 -18.04 15.31 -2.01
C THR A 26 -17.34 16.12 -0.92
N GLY A 27 -16.04 15.89 -0.73
CA GLY A 27 -15.29 16.69 0.24
C GLY A 27 -13.81 16.62 -0.05
N ILE A 28 -13.11 17.70 0.28
CA ILE A 28 -11.67 17.79 0.10
C ILE A 28 -11.07 18.44 1.33
N GLY A 29 -10.03 17.83 1.89
CA GLY A 29 -9.27 18.43 3.01
C GLY A 29 -7.80 18.52 2.65
N LEU A 30 -7.20 19.71 2.81
CA LEU A 30 -5.82 19.95 2.39
C LEU A 30 -4.96 20.52 3.50
N VAL A 31 -3.81 19.89 3.73
CA VAL A 31 -2.79 20.42 4.64
C VAL A 31 -1.51 20.51 3.81
N THR A 32 -1.17 21.71 3.33
CA THR A 32 -0.18 21.83 2.26
C THR A 32 0.69 23.05 2.49
N PRO A 33 1.82 23.16 1.75
CA PRO A 33 2.66 24.36 1.84
C PRO A 33 1.95 25.64 1.39
N LEU A 34 0.82 25.52 0.68
CA LEU A 34 0.00 26.69 0.29
C LEU A 34 -0.94 27.09 1.42
N GLY A 35 -1.07 26.22 2.41
CA GLY A 35 -1.91 26.51 3.56
C GLY A 35 -2.85 25.36 3.86
N VAL A 36 -3.77 25.59 4.79
CA VAL A 36 -4.67 24.54 5.26
C VAL A 36 -6.09 25.00 4.94
N GLY A 37 -6.91 24.10 4.42
CA GLY A 37 -8.30 24.44 4.14
C GLY A 37 -8.59 24.58 2.66
N THR A 38 -9.70 23.97 2.27
CA THR A 38 -10.06 23.68 0.90
C THR A 38 -10.05 24.91 0.00
N HIS A 39 -11.03 25.76 0.17
CA HIS A 39 -11.20 26.84 -0.78
C HIS A 39 -10.11 27.90 -0.63
N LEU A 40 -9.60 28.08 0.58
CA LEU A 40 -8.42 28.90 0.82
C LEU A 40 -7.21 28.46 -0.01
N VAL A 41 -6.93 27.17 -0.02
CA VAL A 41 -5.76 26.67 -0.74
C VAL A 41 -5.98 26.84 -2.25
N TRP A 42 -7.18 26.52 -2.70
CA TRP A 42 -7.52 26.68 -4.12
C TRP A 42 -7.37 28.14 -4.55
N ASP A 43 -7.84 29.06 -3.71
CA ASP A 43 -7.73 30.47 -4.05
C ASP A 43 -6.28 30.90 -4.21
N ARG A 44 -5.42 30.41 -3.33
CA ARG A 44 -3.99 30.76 -3.38
C ARG A 44 -3.32 30.15 -4.61
N LEU A 45 -3.68 28.90 -4.92
CA LEU A 45 -3.18 28.22 -6.10
C LEU A 45 -3.57 28.98 -7.38
N ILE A 46 -4.85 29.29 -7.50
CA ILE A 46 -5.38 30.03 -8.65
C ILE A 46 -4.77 31.43 -8.72
N GLY A 47 -4.47 32.02 -7.57
CA GLY A 47 -3.88 33.36 -7.51
C GLY A 47 -2.40 33.38 -7.87
N GLY A 48 -1.82 32.20 -8.13
CA GLY A 48 -0.42 32.10 -8.50
C GLY A 48 0.58 32.11 -7.35
N GLU A 49 0.12 31.73 -6.16
CA GLU A 49 0.99 31.72 -4.98
C GLU A 49 1.80 30.44 -4.89
N SER A 50 2.85 30.48 -4.07
CA SER A 50 3.71 29.34 -3.87
C SER A 50 4.14 29.22 -2.41
N GLY A 51 4.37 27.99 -1.97
CA GLY A 51 4.77 27.73 -0.58
C GLY A 51 6.23 27.34 -0.47
N ILE A 52 6.95 27.43 -1.57
CA ILE A 52 8.37 27.09 -1.59
C ILE A 52 9.19 28.19 -0.96
N VAL A 53 10.05 27.81 -0.02
CA VAL A 53 10.87 28.74 0.76
C VAL A 53 12.30 28.22 0.88
N SER A 54 13.20 29.06 1.42
CA SER A 54 14.55 28.60 1.75
C SER A 54 14.51 27.67 2.95
N LEU A 55 15.38 26.67 2.94
CA LEU A 55 15.59 25.80 4.09
C LEU A 55 16.16 26.61 5.25
N VAL A 56 15.60 26.43 6.43
CA VAL A 56 16.14 27.07 7.63
C VAL A 56 16.59 25.99 8.61
N GLY A 57 17.77 26.19 9.18
CA GLY A 57 18.34 25.21 10.09
C GLY A 57 19.78 24.89 9.74
N GLU A 58 20.60 24.88 10.77
CA GLU A 58 22.02 24.61 10.62
CA GLU A 58 22.02 24.61 10.66
C GLU A 58 22.32 23.17 10.23
N GLU A 59 21.35 22.28 10.49
CA GLU A 59 21.50 20.87 10.14
C GLU A 59 21.57 20.62 8.63
N TYR A 60 21.19 21.62 7.83
CA TYR A 60 21.14 21.47 6.37
C TYR A 60 22.37 22.07 5.66
N LYS A 61 23.33 22.56 6.43
CA LYS A 61 24.47 23.31 5.86
C LYS A 61 25.35 22.50 4.89
N SER A 62 25.49 21.20 5.15
CA SER A 62 26.40 20.35 4.39
C SER A 62 25.81 19.80 3.08
N ILE A 63 24.47 19.74 3.00
CA ILE A 63 23.78 19.18 1.84
C ILE A 63 23.64 20.23 0.73
N PRO A 64 23.65 19.80 -0.54
CA PRO A 64 23.62 20.75 -1.67
C PRO A 64 22.30 21.53 -1.85
N CYS A 65 21.20 21.01 -1.32
CA CYS A 65 19.87 21.58 -1.49
C CYS A 65 19.67 22.74 -0.52
N SER A 66 18.94 23.79 -0.94
CA SER A 66 18.69 24.91 -0.04
C SER A 66 17.24 25.39 0.02
N VAL A 67 16.33 24.66 -0.61
CA VAL A 67 14.93 25.08 -0.64
C VAL A 67 14.02 23.88 -0.34
N ALA A 68 12.81 24.17 0.13
CA ALA A 68 11.80 23.14 0.39
C ALA A 68 10.44 23.83 0.54
N ALA A 69 9.37 23.06 0.67
CA ALA A 69 8.04 23.64 0.85
C ALA A 69 7.44 23.04 2.09
N TYR A 70 7.27 23.89 3.10
CA TYR A 70 6.73 23.49 4.38
C TYR A 70 5.27 23.89 4.53
N VAL A 71 4.52 23.05 5.23
CA VAL A 71 3.21 23.45 5.71
C VAL A 71 3.37 24.59 6.74
N PRO A 72 2.72 25.74 6.47
CA PRO A 72 2.83 26.82 7.44
C PRO A 72 2.09 26.47 8.73
N ARG A 73 2.77 26.65 9.86
CA ARG A 73 2.20 26.27 11.13
C ARG A 73 1.89 27.50 11.97
N GLY A 74 0.83 27.41 12.76
CA GLY A 74 0.38 28.53 13.60
C GLY A 74 -1.13 28.51 13.80
N SER A 75 -1.65 29.57 14.40
CA SER A 75 -3.07 29.61 14.78
C SER A 75 -3.94 30.48 13.88
N ASP A 76 -3.33 31.18 12.93
CA ASP A 76 -4.08 31.96 11.94
C ASP A 76 -4.92 31.02 11.06
N GLU A 77 -6.02 31.53 10.53
CA GLU A 77 -6.79 30.79 9.52
C GLU A 77 -5.87 30.49 8.33
N GLY A 78 -5.85 29.24 7.89
CA GLY A 78 -4.96 28.85 6.80
C GLY A 78 -3.64 28.24 7.25
N GLN A 79 -3.33 28.36 8.54
CA GLN A 79 -2.14 27.70 9.09
C GLN A 79 -2.50 26.38 9.74
N PHE A 80 -1.51 25.52 9.92
CA PHE A 80 -1.73 24.23 10.55
C PHE A 80 -1.41 24.29 12.04
N ASN A 81 -2.43 24.01 12.86
CA ASN A 81 -2.23 23.93 14.29
C ASN A 81 -2.58 22.51 14.71
N GLU A 82 -1.56 21.70 14.99
CA GLU A 82 -1.76 20.27 15.31
C GLU A 82 -2.74 20.08 16.46
N GLN A 83 -2.68 20.99 17.43
N GLN A 83 -2.68 20.98 17.44
CA GLN A 83 -3.50 20.92 18.65
CA GLN A 83 -3.52 20.92 18.63
C GLN A 83 -5.00 21.02 18.37
C GLN A 83 -5.01 20.93 18.34
N ASN A 84 -5.37 21.46 17.17
CA ASN A 84 -6.78 21.47 16.73
C ASN A 84 -7.30 20.05 16.48
N PHE A 85 -6.38 19.11 16.25
CA PHE A 85 -6.76 17.77 15.82
C PHE A 85 -6.32 16.67 16.76
N VAL A 86 -5.16 16.87 17.40
CA VAL A 86 -4.60 15.86 18.28
CA VAL A 86 -4.54 15.86 18.25
C VAL A 86 -4.12 16.46 19.59
N SER A 87 -4.29 15.71 20.67
CA SER A 87 -3.90 16.14 22.00
C SER A 87 -2.38 16.09 22.13
N LYS A 88 -1.84 16.84 23.09
N LYS A 88 -1.82 16.84 23.09
CA LYS A 88 -0.39 16.85 23.33
CA LYS A 88 -0.38 16.83 23.28
C LYS A 88 0.13 15.45 23.65
C LYS A 88 0.12 15.42 23.60
N SER A 89 -0.70 14.66 24.33
CA SER A 89 -0.38 13.28 24.70
C SER A 89 -0.38 12.32 23.51
N ASP A 90 -1.33 12.50 22.59
CA ASP A 90 -1.41 11.64 21.42
C ASP A 90 -0.31 11.93 20.41
N ILE A 91 0.17 13.16 20.40
CA ILE A 91 1.25 13.58 19.50
C ILE A 91 2.47 12.65 19.61
N LYS A 92 2.85 12.30 20.84
CA LYS A 92 4.02 11.45 21.09
C LYS A 92 3.91 10.04 20.49
N SER A 93 2.67 9.57 20.29
CA SER A 93 2.42 8.24 19.75
C SER A 93 2.26 8.20 18.22
N MET A 94 2.37 9.37 17.57
CA MET A 94 2.12 9.52 16.13
C MET A 94 3.22 10.27 15.42
N SER A 95 3.43 9.93 14.15
CA SER A 95 4.41 10.61 13.32
C SER A 95 3.80 11.89 12.73
N SER A 96 4.66 12.79 12.30
CA SER A 96 4.22 14.03 11.64
C SER A 96 3.23 13.79 10.47
N PRO A 97 3.55 12.85 9.54
CA PRO A 97 2.60 12.57 8.44
C PRO A 97 1.25 12.07 8.94
N THR A 98 1.25 11.26 9.99
CA THR A 98 0.00 10.77 10.55
C THR A 98 -0.84 11.95 11.05
N ILE A 99 -0.19 12.87 11.76
CA ILE A 99 -0.92 14.04 12.29
C ILE A 99 -1.50 14.90 11.15
N MET A 100 -0.70 15.12 10.10
CA MET A 100 -1.21 15.90 8.94
C MET A 100 -2.40 15.20 8.29
N ALA A 101 -2.33 13.87 8.17
CA ALA A 101 -3.42 13.09 7.59
C ALA A 101 -4.70 13.20 8.43
N ILE A 102 -4.56 13.19 9.75
CA ILE A 102 -5.73 13.35 10.64
C ILE A 102 -6.41 14.70 10.39
N GLY A 103 -5.60 15.76 10.34
CA GLY A 103 -6.10 17.10 10.06
C GLY A 103 -6.80 17.14 8.72
N ALA A 104 -6.13 16.60 7.69
CA ALA A 104 -6.69 16.63 6.34
C ALA A 104 -8.01 15.86 6.27
N ALA A 105 -8.04 14.70 6.92
CA ALA A 105 -9.26 13.86 6.91
C ALA A 105 -10.39 14.56 7.66
N GLU A 106 -10.10 15.17 8.82
CA GLU A 106 -11.15 15.87 9.53
C GLU A 106 -11.73 16.97 8.65
N LEU A 107 -10.85 17.73 8.00
CA LEU A 107 -11.30 18.83 7.13
C LEU A 107 -12.11 18.33 5.94
N ALA A 108 -11.67 17.20 5.37
CA ALA A 108 -12.39 16.61 4.25
C ALA A 108 -13.78 16.16 4.64
N MET A 109 -13.89 15.52 5.81
N MET A 109 -13.90 15.49 5.79
CA MET A 109 -15.19 15.06 6.28
CA MET A 109 -15.22 15.06 6.24
C MET A 109 -16.12 16.24 6.62
C MET A 109 -16.11 16.27 6.55
N LYS A 110 -15.54 17.30 7.16
CA LYS A 110 -16.30 18.54 7.40
CA LYS A 110 -16.32 18.52 7.40
C LYS A 110 -16.80 19.13 6.08
N ASP A 111 -15.92 19.12 5.08
CA ASP A 111 -16.22 19.67 3.77
C ASP A 111 -17.31 18.88 3.06
N SER A 112 -17.44 17.59 3.40
CA SER A 112 -18.41 16.70 2.78
CA SER A 112 -18.41 16.72 2.78
C SER A 112 -19.72 16.66 3.56
N GLY A 113 -19.64 17.02 4.84
CA GLY A 113 -20.77 16.89 5.75
C GLY A 113 -21.05 15.45 6.13
N TRP A 114 -20.02 14.62 6.06
CA TRP A 114 -20.12 13.21 6.38
C TRP A 114 -19.47 12.91 7.72
N HIS A 115 -20.32 12.63 8.71
CA HIS A 115 -19.90 12.33 10.07
C HIS A 115 -20.70 11.12 10.55
N PRO A 116 -20.30 9.92 10.12
CA PRO A 116 -21.14 8.74 10.29
C PRO A 116 -21.31 8.38 11.77
N GLN A 117 -22.56 8.17 12.17
CA GLN A 117 -22.90 7.89 13.56
C GLN A 117 -23.53 6.52 13.72
N SER A 118 -24.40 6.13 12.79
CA SER A 118 -25.04 4.83 12.85
C SER A 118 -24.06 3.69 12.56
N GLU A 119 -24.37 2.50 13.07
CA GLU A 119 -23.53 1.34 12.75
C GLU A 119 -23.45 1.18 11.25
N ALA A 120 -24.58 1.34 10.57
CA ALA A 120 -24.59 1.16 9.11
C ALA A 120 -23.68 2.16 8.39
N ASP A 121 -23.72 3.43 8.82
CA ASP A 121 -22.91 4.45 8.14
C ASP A 121 -21.42 4.28 8.47
N GLN A 122 -21.11 3.87 9.71
CA GLN A 122 -19.71 3.64 10.09
C GLN A 122 -19.12 2.45 9.33
N VAL A 123 -19.88 1.36 9.22
CA VAL A 123 -19.38 0.17 8.48
C VAL A 123 -19.28 0.44 6.97
N ALA A 124 -20.07 1.41 6.48
CA ALA A 124 -20.08 1.72 5.03
C ALA A 124 -18.97 2.68 4.64
N THR A 125 -18.24 3.20 5.64
CA THR A 125 -17.20 4.21 5.37
C THR A 125 -15.85 3.62 5.69
N GLY A 126 -14.99 3.54 4.67
CA GLY A 126 -13.63 3.06 4.89
C GLY A 126 -12.60 4.17 4.75
N VAL A 127 -11.32 3.77 4.86
CA VAL A 127 -10.22 4.72 4.79
CA VAL A 127 -10.23 4.73 4.77
C VAL A 127 -9.11 4.12 3.94
N ALA A 128 -8.60 4.90 2.98
CA ALA A 128 -7.49 4.43 2.16
C ALA A 128 -6.52 5.60 2.08
N ILE A 129 -5.59 5.66 3.04
CA ILE A 129 -4.60 6.75 3.09
C ILE A 129 -3.24 6.11 3.05
N GLY A 130 -2.45 6.55 2.07
CA GLY A 130 -1.09 6.00 1.90
C GLY A 130 -0.02 6.97 2.35
N MET A 131 1.21 6.45 2.49
CA MET A 131 2.35 7.25 2.84
C MET A 131 3.54 6.72 2.03
N GLY A 132 4.37 7.60 1.49
CA GLY A 132 5.47 7.16 0.65
C GLY A 132 6.69 6.72 1.44
N MET A 133 7.00 7.44 2.52
CA MET A 133 8.21 7.12 3.29
C MET A 133 8.07 7.64 4.69
N ILE A 134 8.28 6.77 5.69
CA ILE A 134 8.22 7.24 7.08
C ILE A 134 9.40 8.18 7.37
N PRO A 135 9.19 9.23 8.21
CA PRO A 135 10.31 10.09 8.60
C PRO A 135 11.48 9.26 9.16
N LEU A 136 12.65 9.51 8.59
CA LEU A 136 13.79 8.68 8.87
C LEU A 136 14.34 8.97 10.26
N GLU A 137 14.18 10.20 10.75
CA GLU A 137 14.74 10.58 12.04
C GLU A 137 14.14 9.81 13.23
N VAL A 138 12.87 9.41 13.13
CA VAL A 138 12.25 8.57 14.17
C VAL A 138 13.09 7.30 14.38
N VAL A 139 13.53 6.70 13.27
CA VAL A 139 14.36 5.49 13.32
C VAL A 139 15.74 5.74 13.93
N SER A 140 16.47 6.73 13.41
CA SER A 140 17.84 6.94 13.84
C SER A 140 17.90 7.46 15.27
N GLU A 141 16.93 8.30 15.64
CA GLU A 141 16.87 8.79 17.02
C GLU A 141 16.54 7.67 17.99
N THR A 142 15.65 6.77 17.60
CA THR A 142 15.33 5.62 18.47
C THR A 142 16.50 4.66 18.58
N ALA A 143 17.17 4.40 17.46
CA ALA A 143 18.39 3.60 17.47
C ALA A 143 19.41 4.11 18.49
N LEU A 144 19.68 5.42 18.47
CA LEU A 144 20.64 6.02 19.40
C LEU A 144 20.18 5.87 20.85
N ASN A 145 18.89 6.14 21.07
CA ASN A 145 18.27 6.00 22.38
CA ASN A 145 18.28 6.01 22.38
C ASN A 145 18.44 4.59 22.93
N PHE A 146 18.11 3.61 22.07
CA PHE A 146 18.22 2.20 22.44
C PHE A 146 19.66 1.82 22.80
N GLN A 147 20.61 2.25 21.96
CA GLN A 147 22.03 1.97 22.15
C GLN A 147 22.59 2.58 23.43
N THR A 148 22.22 3.81 23.73
CA THR A 148 22.87 4.56 24.82
C THR A 148 22.08 4.58 26.13
N LYS A 149 20.76 4.42 26.06
CA LYS A 149 19.90 4.54 27.23
C LYS A 149 19.17 3.23 27.55
N GLY A 150 19.21 2.27 26.63
CA GLY A 150 18.75 0.90 26.87
C GLY A 150 17.35 0.60 26.36
N TYR A 151 17.00 -0.69 26.39
CA TYR A 151 15.71 -1.21 25.97
C TYR A 151 14.52 -0.48 26.60
N ASN A 152 14.61 -0.28 27.92
CA ASN A 152 13.49 0.25 28.70
C ASN A 152 13.31 1.76 28.53
N LYS A 153 14.07 2.34 27.59
CA LYS A 153 13.92 3.75 27.24
C LYS A 153 13.35 3.91 25.83
N VAL A 154 13.12 2.79 25.14
CA VAL A 154 12.49 2.83 23.83
C VAL A 154 11.00 3.04 24.02
N SER A 155 10.43 3.96 23.25
CA SER A 155 9.00 4.24 23.34
C SER A 155 8.19 3.02 22.94
N PRO A 156 7.19 2.66 23.73
CA PRO A 156 6.25 1.62 23.33
C PRO A 156 5.52 1.97 22.02
N PHE A 157 5.54 3.23 21.62
CA PHE A 157 4.88 3.67 20.38
C PHE A 157 5.79 3.69 19.16
N PHE A 158 7.02 3.21 19.33
CA PHE A 158 7.99 3.23 18.26
C PHE A 158 7.45 2.50 17.01
N VAL A 159 6.99 1.27 17.17
CA VAL A 159 6.52 0.54 16.00
C VAL A 159 5.35 1.26 15.27
N PRO A 160 4.27 1.59 16.01
CA PRO A 160 3.26 2.45 15.35
C PRO A 160 3.82 3.65 14.58
N LYS A 161 4.75 4.41 15.16
CA LYS A 161 5.30 5.60 14.47
C LYS A 161 6.07 5.32 13.17
N ILE A 162 6.52 4.10 12.98
CA ILE A 162 7.31 3.77 11.81
C ILE A 162 6.52 2.92 10.79
N LEU A 163 5.22 2.77 11.03
CA LEU A 163 4.38 2.01 10.08
C LEU A 163 3.61 2.93 9.15
N VAL A 164 3.72 2.64 7.85
CA VAL A 164 3.05 3.41 6.80
C VAL A 164 1.54 3.47 6.99
N ASN A 165 0.95 2.40 7.53
CA ASN A 165 -0.52 2.35 7.55
C ASN A 165 -1.14 3.04 8.75
N MET A 166 -0.30 3.71 9.54
CA MET A 166 -0.84 4.30 10.77
C MET A 166 -1.72 5.52 10.55
N ALA A 167 -1.51 6.24 9.45
CA ALA A 167 -2.40 7.35 9.10
C ALA A 167 -3.82 6.85 8.83
N ALA A 168 -3.96 5.81 8.00
CA ALA A 168 -5.27 5.19 7.78
C ALA A 168 -5.82 4.63 9.09
N GLY A 169 -4.98 3.96 9.86
CA GLY A 169 -5.41 3.41 11.16
C GLY A 169 -5.96 4.46 12.11
N GLN A 170 -5.19 5.53 12.29
CA GLN A 170 -5.61 6.59 13.24
C GLN A 170 -6.87 7.30 12.76
N VAL A 171 -6.95 7.56 11.46
CA VAL A 171 -8.15 8.23 10.92
C VAL A 171 -9.40 7.36 11.16
N SER A 172 -9.25 6.04 10.91
CA SER A 172 -10.32 5.08 11.21
C SER A 172 -10.76 5.11 12.68
N ILE A 173 -9.81 5.04 13.61
CA ILE A 173 -10.11 5.02 15.02
C ILE A 173 -10.80 6.30 15.44
N ARG A 174 -10.22 7.42 15.00
CA ARG A 174 -10.65 8.72 15.48
C ARG A 174 -12.04 9.11 14.99
N TYR A 175 -12.41 8.64 13.79
CA TYR A 175 -13.74 8.99 13.21
C TYR A 175 -14.68 7.79 13.11
N LYS A 176 -14.27 6.69 13.74
N LYS A 176 -14.25 6.69 13.72
CA LYS A 176 -15.02 5.42 13.80
CA LYS A 176 -14.99 5.43 13.77
C LYS A 176 -15.44 4.89 12.42
C LYS A 176 -15.46 5.02 12.38
N LEU A 177 -14.47 4.85 11.50
CA LEU A 177 -14.71 4.43 10.12
C LEU A 177 -14.36 2.95 10.03
N LYS A 178 -15.38 2.11 9.80
CA LYS A 178 -15.20 0.65 9.96
C LYS A 178 -15.18 -0.17 8.67
N GLY A 179 -15.28 0.52 7.53
CA GLY A 179 -15.16 -0.15 6.23
C GLY A 179 -13.72 -0.49 5.91
N PRO A 180 -13.47 -0.84 4.65
CA PRO A 180 -12.13 -1.22 4.17
C PRO A 180 -11.10 -0.23 4.68
N ASN A 181 -10.01 -0.77 5.20
CA ASN A 181 -8.94 0.04 5.74
CA ASN A 181 -8.92 0.01 5.80
C ASN A 181 -7.64 -0.37 5.03
N HIS A 182 -7.15 0.53 4.18
CA HIS A 182 -6.14 0.14 3.19
C HIS A 182 -5.11 1.26 3.11
N ALA A 183 -3.84 0.90 2.97
CA ALA A 183 -2.79 1.90 2.88
C ALA A 183 -1.81 1.46 1.82
N VAL A 184 -1.73 2.20 0.74
CA VAL A 184 -0.77 1.89 -0.30
CA VAL A 184 -0.80 1.93 -0.35
C VAL A 184 0.51 2.67 -0.06
N SER A 185 1.63 2.17 -0.59
CA SER A 185 2.90 2.86 -0.44
C SER A 185 3.70 2.59 -1.71
N THR A 186 3.47 3.45 -2.69
CA THR A 186 4.07 3.34 -4.03
C THR A 186 4.82 4.62 -4.35
N ALA A 187 5.67 5.03 -3.42
CA ALA A 187 6.55 6.18 -3.64
C ALA A 187 5.70 7.38 -4.08
N CYS A 188 6.09 8.07 -5.17
CA CYS A 188 5.36 9.30 -5.56
C CYS A 188 4.00 9.07 -6.23
N THR A 189 3.65 7.80 -6.43
CA THR A 189 2.37 7.42 -7.02
C THR A 189 1.29 7.17 -5.95
N THR A 190 1.74 7.12 -4.69
CA THR A 190 0.89 6.71 -3.55
C THR A 190 -0.49 7.41 -3.53
N GLY A 191 -0.48 8.75 -3.62
CA GLY A 191 -1.73 9.49 -3.48
C GLY A 191 -2.74 9.21 -4.58
N ALA A 192 -2.24 8.94 -5.79
CA ALA A 192 -3.08 8.58 -6.93
C ALA A 192 -3.67 7.19 -6.74
N HIS A 193 -2.85 6.23 -6.32
CA HIS A 193 -3.36 4.88 -6.05
C HIS A 193 -4.41 4.87 -4.95
N ALA A 194 -4.20 5.67 -3.89
CA ALA A 194 -5.18 5.70 -2.81
C ALA A 194 -6.54 6.13 -3.31
N VAL A 195 -6.58 7.17 -4.14
CA VAL A 195 -7.86 7.64 -4.67
C VAL A 195 -8.44 6.62 -5.65
N GLY A 196 -7.62 6.08 -6.55
CA GLY A 196 -8.13 5.06 -7.48
C GLY A 196 -8.64 3.79 -6.82
N ASP A 197 -7.90 3.28 -5.84
CA ASP A 197 -8.31 2.08 -5.14
C ASP A 197 -9.65 2.32 -4.42
N SER A 198 -9.78 3.50 -3.81
CA SER A 198 -11.05 3.89 -3.15
C SER A 198 -12.22 3.91 -4.13
N PHE A 199 -11.98 4.52 -5.29
CA PHE A 199 -12.92 4.52 -6.40
C PHE A 199 -13.36 3.07 -6.73
N ARG A 200 -12.39 2.18 -6.93
CA ARG A 200 -12.70 0.79 -7.25
C ARG A 200 -13.49 0.09 -6.13
N PHE A 201 -13.08 0.31 -4.87
CA PHE A 201 -13.82 -0.30 -3.75
C PHE A 201 -15.27 0.13 -3.76
N ILE A 202 -15.51 1.43 -3.97
CA ILE A 202 -16.91 1.91 -3.92
C ILE A 202 -17.68 1.39 -5.13
N ALA A 203 -17.06 1.47 -6.31
CA ALA A 203 -17.73 0.93 -7.52
C ALA A 203 -18.09 -0.53 -7.35
N HIS A 204 -17.21 -1.28 -6.67
CA HIS A 204 -17.38 -2.72 -6.48
C HIS A 204 -18.41 -3.07 -5.42
N GLY A 205 -18.69 -2.12 -4.53
CA GLY A 205 -19.68 -2.35 -3.48
C GLY A 205 -19.12 -2.61 -2.09
N ASP A 206 -17.80 -2.54 -1.92
CA ASP A 206 -17.17 -2.80 -0.61
C ASP A 206 -17.50 -1.70 0.42
N ALA A 207 -17.77 -0.51 -0.08
CA ALA A 207 -18.03 0.63 0.76
C ALA A 207 -18.89 1.59 -0.02
N ASP A 208 -19.62 2.43 0.70
CA ASP A 208 -20.35 3.53 0.08
C ASP A 208 -19.62 4.87 0.18
N VAL A 209 -18.69 5.00 1.13
CA VAL A 209 -17.87 6.20 1.28
C VAL A 209 -16.44 5.77 1.59
N MET A 210 -15.45 6.46 1.03
CA MET A 210 -14.05 6.22 1.39
C MET A 210 -13.38 7.55 1.65
N VAL A 211 -12.65 7.62 2.76
CA VAL A 211 -11.80 8.75 3.05
C VAL A 211 -10.41 8.40 2.52
N ALA A 212 -10.03 9.04 1.42
CA ALA A 212 -8.89 8.57 0.59
C ALA A 212 -7.86 9.65 0.46
N GLY A 213 -6.59 9.26 0.45
CA GLY A 213 -5.56 10.27 0.13
C GLY A 213 -4.17 9.83 0.45
N GLY A 214 -3.29 10.81 0.64
CA GLY A 214 -1.88 10.49 0.90
C GLY A 214 -1.27 11.56 1.79
N THR A 215 -0.20 11.17 2.50
CA THR A 215 0.48 12.07 3.40
C THR A 215 1.98 11.79 3.33
N ASP A 216 2.80 12.82 3.49
CA ASP A 216 4.23 12.62 3.69
C ASP A 216 4.78 13.86 4.38
N SER A 217 5.72 13.63 5.27
CA SER A 217 6.35 14.76 5.98
C SER A 217 7.62 14.19 6.49
N CYS A 218 8.64 14.23 5.63
CA CYS A 218 9.89 13.58 5.90
C CYS A 218 11.09 14.45 5.49
N ILE A 219 10.90 15.77 5.40
CA ILE A 219 11.99 16.70 5.06
C ILE A 219 12.95 16.69 6.23
N SER A 220 14.16 16.21 5.97
CA SER A 220 15.18 16.14 6.99
C SER A 220 16.52 16.11 6.28
N PRO A 221 17.62 16.38 7.01
CA PRO A 221 18.93 16.33 6.38
C PRO A 221 19.19 15.00 5.67
N LEU A 222 18.87 13.89 6.32
CA LEU A 222 19.15 12.58 5.72
C LEU A 222 18.29 12.29 4.48
N SER A 223 17.01 12.63 4.55
N SER A 223 17.01 12.64 4.53
CA SER A 223 16.11 12.40 3.42
CA SER A 223 16.13 12.36 3.38
C SER A 223 16.58 13.23 2.23
C SER A 223 16.49 13.25 2.18
N LEU A 224 16.80 14.52 2.44
CA LEU A 224 17.30 15.41 1.39
C LEU A 224 18.67 14.95 0.87
N ALA A 225 19.52 14.45 1.76
CA ALA A 225 20.81 13.88 1.36
C ALA A 225 20.60 12.71 0.40
N GLY A 226 19.66 11.83 0.76
CA GLY A 226 19.30 10.68 -0.07
C GLY A 226 18.87 11.10 -1.46
N PHE A 227 17.95 12.05 -1.52
CA PHE A 227 17.46 12.51 -2.82
C PHE A 227 18.52 13.25 -3.62
N SER A 228 19.36 14.00 -2.92
CA SER A 228 20.48 14.66 -3.58
C SER A 228 21.49 13.69 -4.18
N ARG A 229 21.82 12.64 -3.42
CA ARG A 229 22.76 11.62 -3.91
C ARG A 229 22.18 10.87 -5.10
N ALA A 230 20.85 10.77 -5.15
CA ALA A 230 20.14 10.24 -6.31
C ALA A 230 19.98 11.25 -7.48
N ARG A 231 20.59 12.41 -7.32
N ARG A 231 20.56 12.44 -7.33
CA ARG A 231 20.54 13.51 -8.29
CA ARG A 231 20.54 13.49 -8.36
C ARG A 231 19.11 13.88 -8.69
C ARG A 231 19.15 14.13 -8.61
N ALA A 232 18.21 13.87 -7.69
CA ALA A 232 16.80 14.20 -7.92
C ALA A 232 16.36 15.65 -7.66
N LEU A 233 17.13 16.39 -6.85
CA LEU A 233 16.68 17.68 -6.33
C LEU A 233 17.30 18.88 -7.02
N SER A 234 16.54 19.98 -7.11
CA SER A 234 17.09 21.26 -7.60
C SER A 234 18.09 21.78 -6.59
N THR A 235 19.20 22.32 -7.09
CA THR A 235 20.22 22.91 -6.23
C THR A 235 20.11 24.42 -6.26
N ASN A 236 19.07 24.92 -6.94
CA ASN A 236 18.81 26.35 -7.05
C ASN A 236 18.58 26.94 -5.65
N SER A 237 19.27 28.03 -5.34
CA SER A 237 19.14 28.61 -4.00
C SER A 237 18.01 29.63 -3.94
N ASP A 238 17.44 29.96 -5.10
CA ASP A 238 16.33 30.91 -5.17
C ASP A 238 15.00 30.16 -5.09
N PRO A 239 14.28 30.26 -3.95
CA PRO A 239 13.02 29.54 -3.77
C PRO A 239 11.93 30.04 -4.72
N LYS A 240 12.06 31.27 -5.20
CA LYS A 240 11.09 31.82 -6.15
C LYS A 240 11.17 31.15 -7.52
N LEU A 241 12.34 30.61 -7.85
CA LEU A 241 12.60 30.08 -9.20
C LEU A 241 12.98 28.60 -9.23
N ALA A 242 13.23 28.00 -8.07
CA ALA A 242 13.81 26.65 -8.00
C ALA A 242 12.98 25.62 -8.77
N CYS A 243 11.67 25.64 -8.55
CA CYS A 243 10.75 24.69 -9.16
C CYS A 243 10.05 25.35 -10.33
N ARG A 244 10.33 24.84 -11.52
CA ARG A 244 9.79 25.43 -12.74
C ARG A 244 9.51 24.35 -13.79
N PRO A 245 8.41 23.60 -13.60
CA PRO A 245 8.09 22.49 -14.51
C PRO A 245 8.02 22.97 -15.96
N PHE A 246 8.56 22.14 -16.86
CA PHE A 246 8.65 22.41 -18.32
C PHE A 246 9.63 23.51 -18.76
N HIS A 247 10.31 24.15 -17.81
CA HIS A 247 11.16 25.31 -18.10
C HIS A 247 12.52 24.88 -18.62
N PRO A 248 13.13 25.67 -19.54
CA PRO A 248 14.46 25.29 -20.03
C PRO A 248 15.51 25.07 -18.94
N LYS A 249 15.37 25.79 -17.83
CA LYS A 249 16.35 25.76 -16.74
C LYS A 249 15.98 24.83 -15.57
N ARG A 250 14.94 24.01 -15.74
CA ARG A 250 14.57 23.04 -14.71
C ARG A 250 15.74 22.11 -14.39
N ASP A 251 15.91 21.78 -13.12
CA ASP A 251 17.11 21.05 -12.68
C ASP A 251 16.88 20.17 -11.47
N GLY A 252 15.64 19.70 -11.29
CA GLY A 252 15.29 18.82 -10.18
C GLY A 252 14.10 19.30 -9.39
N PHE A 253 13.50 18.39 -8.61
CA PHE A 253 12.33 18.77 -7.82
C PHE A 253 12.66 19.48 -6.52
N VAL A 254 11.63 20.08 -5.93
CA VAL A 254 11.72 20.70 -4.61
C VAL A 254 10.83 19.89 -3.69
N MET A 255 11.39 19.42 -2.59
CA MET A 255 10.65 18.57 -1.68
C MET A 255 9.66 19.40 -0.88
N GLY A 256 8.42 18.91 -0.84
CA GLY A 256 7.37 19.48 0.00
C GLY A 256 6.94 18.50 1.06
N GLU A 257 5.94 18.89 1.84
CA GLU A 257 5.31 18.01 2.82
C GLU A 257 3.84 18.37 2.88
N GLY A 258 3.04 17.45 3.39
CA GLY A 258 1.62 17.72 3.50
C GLY A 258 0.77 16.48 3.39
N ALA A 259 -0.53 16.70 3.49
CA ALA A 259 -1.51 15.62 3.30
C ALA A 259 -2.67 16.17 2.51
N ALA A 260 -3.27 15.32 1.68
CA ALA A 260 -4.52 15.67 1.01
C ALA A 260 -5.46 14.48 1.12
N VAL A 261 -6.71 14.76 1.50
CA VAL A 261 -7.71 13.70 1.63
C VAL A 261 -8.98 14.11 0.89
N LEU A 262 -9.60 13.14 0.22
CA LEU A 262 -10.84 13.37 -0.53
C LEU A 262 -11.86 12.39 0.02
N VAL A 263 -13.10 12.85 0.17
CA VAL A 263 -14.21 11.94 0.47
C VAL A 263 -14.84 11.51 -0.85
N LEU A 264 -14.67 10.23 -1.17
CA LEU A 264 -15.31 9.63 -2.33
C LEU A 264 -16.58 8.94 -1.86
N GLU A 265 -17.61 8.95 -2.69
CA GLU A 265 -18.90 8.50 -2.24
C GLU A 265 -19.70 7.94 -3.40
N GLU A 266 -20.42 6.85 -3.16
CA GLU A 266 -21.29 6.31 -4.22
C GLU A 266 -22.32 7.36 -4.65
N TYR A 267 -22.61 7.42 -5.95
CA TYR A 267 -23.41 8.53 -6.48
CA TYR A 267 -23.43 8.49 -6.52
C TYR A 267 -24.83 8.62 -5.88
N GLU A 268 -25.56 7.49 -5.83
CA GLU A 268 -26.93 7.54 -5.30
C GLU A 268 -26.91 7.94 -3.83
N HIS A 269 -25.91 7.45 -3.10
CA HIS A 269 -25.72 7.79 -1.68
C HIS A 269 -25.54 9.30 -1.49
N ALA A 270 -24.71 9.91 -2.33
CA ALA A 270 -24.55 11.36 -2.30
C ALA A 270 -25.83 12.12 -2.63
N VAL A 271 -26.56 11.69 -3.66
CA VAL A 271 -27.77 12.41 -4.06
C VAL A 271 -28.80 12.31 -2.93
N GLN A 272 -28.91 11.12 -2.32
CA GLN A 272 -29.94 10.88 -1.33
CA GLN A 272 -29.93 10.85 -1.31
C GLN A 272 -29.80 11.76 -0.10
N ARG A 273 -28.57 12.09 0.27
CA ARG A 273 -28.34 12.99 1.41
C ARG A 273 -28.10 14.43 0.95
N ARG A 274 -28.30 14.68 -0.34
CA ARG A 274 -28.11 16.01 -0.91
C ARG A 274 -26.71 16.60 -0.62
N ALA A 275 -25.70 15.76 -0.84
CA ALA A 275 -24.31 16.19 -0.77
C ALA A 275 -24.05 17.25 -1.85
N ARG A 276 -23.09 18.14 -1.60
CA ARG A 276 -22.55 18.98 -2.67
C ARG A 276 -21.45 18.18 -3.37
N ILE A 277 -21.60 17.99 -4.67
CA ILE A 277 -20.70 17.11 -5.43
C ILE A 277 -19.75 17.93 -6.27
N TYR A 278 -18.45 17.65 -6.16
CA TYR A 278 -17.45 18.41 -6.90
C TYR A 278 -17.25 17.87 -8.30
N ALA A 279 -17.20 16.55 -8.40
CA ALA A 279 -16.82 15.86 -9.64
C ALA A 279 -17.08 14.38 -9.51
N GLU A 280 -17.03 13.70 -10.66
CA GLU A 280 -17.17 12.25 -10.73
C GLU A 280 -15.81 11.61 -11.05
N VAL A 281 -15.48 10.52 -10.36
CA VAL A 281 -14.29 9.76 -10.72
C VAL A 281 -14.75 8.78 -11.79
N LEU A 282 -14.15 8.88 -12.98
CA LEU A 282 -14.58 8.06 -14.09
C LEU A 282 -13.68 6.84 -14.33
N GLY A 283 -12.39 7.00 -14.10
CA GLY A 283 -11.47 5.89 -14.45
C GLY A 283 -10.15 5.96 -13.73
N TYR A 284 -9.44 4.84 -13.75
CA TYR A 284 -8.21 4.66 -13.01
C TYR A 284 -7.39 3.73 -13.87
N GLY A 285 -6.14 4.15 -14.16
CA GLY A 285 -5.22 3.33 -14.96
C GLY A 285 -3.88 3.19 -14.25
N LEU A 286 -3.26 2.01 -14.41
CA LEU A 286 -2.03 1.70 -13.70
C LEU A 286 -1.09 1.07 -14.70
N SER A 287 0.20 1.32 -14.55
CA SER A 287 1.21 0.58 -15.37
C SER A 287 2.55 0.56 -14.67
N GLY A 288 3.48 -0.21 -15.21
CA GLY A 288 4.87 -0.17 -14.73
C GLY A 288 5.81 0.01 -15.91
N ASP A 289 6.84 0.85 -15.75
CA ASP A 289 7.83 1.03 -16.82
C ASP A 289 8.63 -0.24 -17.05
N ALA A 290 8.91 -0.95 -15.96
CA ALA A 290 9.86 -2.08 -15.96
C ALA A 290 11.21 -1.70 -16.60
N GLY A 291 11.73 -0.54 -16.21
CA GLY A 291 12.99 0.00 -16.77
C GLY A 291 13.98 0.39 -15.70
N HIS A 292 14.00 1.68 -15.36
CA HIS A 292 15.02 2.24 -14.48
C HIS A 292 14.46 2.31 -13.06
N ILE A 293 15.33 2.22 -12.05
CA ILE A 293 14.86 2.21 -10.67
C ILE A 293 14.34 3.55 -10.20
N THR A 294 14.82 4.65 -10.81
CA THR A 294 14.39 5.99 -10.38
C THR A 294 13.94 6.90 -11.53
N ALA A 295 14.48 6.68 -12.72
CA ALA A 295 14.13 7.50 -13.88
C ALA A 295 12.94 6.92 -14.62
N PRO A 296 12.10 7.81 -15.22
CA PRO A 296 11.03 7.29 -16.06
C PRO A 296 11.54 6.87 -17.43
N ASP A 297 10.72 6.12 -18.18
CA ASP A 297 11.04 5.80 -19.56
CA ASP A 297 11.00 5.81 -19.59
C ASP A 297 11.27 7.12 -20.31
N PRO A 298 12.42 7.25 -21.01
CA PRO A 298 12.65 8.52 -21.72
C PRO A 298 11.58 8.89 -22.75
N GLU A 299 10.92 7.89 -23.34
CA GLU A 299 9.90 8.14 -24.36
C GLU A 299 8.51 8.11 -23.76
N GLY A 300 8.45 7.90 -22.44
CA GLY A 300 7.19 7.93 -21.70
C GLY A 300 6.20 6.81 -22.00
N GLU A 301 6.71 5.66 -22.45
CA GLU A 301 5.84 4.52 -22.78
C GLU A 301 4.91 4.15 -21.62
N GLY A 302 5.47 4.06 -20.42
CA GLY A 302 4.67 3.66 -19.25
C GLY A 302 3.57 4.67 -18.96
N ALA A 303 3.93 5.95 -19.03
CA ALA A 303 2.98 7.04 -18.86
C ALA A 303 1.87 6.98 -19.90
N LEU A 304 2.24 6.78 -21.17
CA LEU A 304 1.24 6.57 -22.21
C LEU A 304 0.28 5.44 -21.84
N ARG A 305 0.85 4.32 -21.41
CA ARG A 305 0.01 3.16 -21.10
C ARG A 305 -0.94 3.36 -19.92
N CYS A 306 -0.49 4.05 -18.87
CA CYS A 306 -1.41 4.30 -17.74
C CYS A 306 -2.50 5.32 -18.09
N MET A 307 -2.15 6.37 -18.85
CA MET A 307 -3.16 7.32 -19.31
C MET A 307 -4.21 6.61 -20.16
N ALA A 308 -3.75 5.78 -21.11
CA ALA A 308 -4.64 5.04 -21.99
C ALA A 308 -5.54 4.07 -21.21
N ALA A 309 -4.98 3.46 -20.16
CA ALA A 309 -5.75 2.56 -19.31
C ALA A 309 -6.85 3.32 -18.56
N ALA A 310 -6.52 4.52 -18.09
CA ALA A 310 -7.50 5.37 -17.39
C ALA A 310 -8.66 5.77 -18.32
N LEU A 311 -8.33 6.10 -19.56
CA LEU A 311 -9.36 6.44 -20.55
C LEU A 311 -10.23 5.24 -20.86
N LYS A 312 -9.61 4.08 -21.00
CA LYS A 312 -10.36 2.83 -21.20
C LYS A 312 -11.30 2.55 -20.03
N ASP A 313 -10.79 2.67 -18.80
CA ASP A 313 -11.60 2.45 -17.61
C ASP A 313 -12.79 3.42 -17.54
N ALA A 314 -12.53 4.67 -17.93
CA ALA A 314 -13.53 5.73 -17.89
C ALA A 314 -14.54 5.62 -19.03
N GLY A 315 -14.21 4.83 -20.06
CA GLY A 315 -15.06 4.76 -21.28
C GLY A 315 -15.04 6.03 -22.13
N VAL A 316 -13.90 6.73 -22.10
N VAL A 316 -13.96 6.80 -22.03
CA VAL A 316 -13.73 8.07 -22.69
CA VAL A 316 -13.87 8.01 -22.83
C VAL A 316 -12.66 8.05 -23.80
C VAL A 316 -12.76 7.94 -23.86
N GLN A 317 -12.96 8.67 -24.94
CA GLN A 317 -12.01 8.81 -26.04
CA GLN A 317 -11.99 8.79 -26.02
C GLN A 317 -11.00 9.92 -25.74
N PRO A 318 -9.75 9.80 -26.25
CA PRO A 318 -8.77 10.88 -26.00
C PRO A 318 -9.26 12.31 -26.31
N GLU A 319 -10.02 12.49 -27.39
CA GLU A 319 -10.52 13.81 -27.80
CA GLU A 319 -10.50 13.82 -27.79
C GLU A 319 -11.49 14.43 -26.78
N GLU A 320 -11.97 13.62 -25.83
CA GLU A 320 -12.90 14.13 -24.81
C GLU A 320 -12.21 14.75 -23.59
N ILE A 321 -10.89 14.63 -23.52
CA ILE A 321 -10.09 15.19 -22.40
C ILE A 321 -9.83 16.67 -22.65
N SER A 322 -10.07 17.50 -21.63
CA SER A 322 -9.78 18.92 -21.82
C SER A 322 -8.61 19.44 -20.99
N TYR A 323 -8.22 18.71 -19.95
CA TYR A 323 -7.20 19.20 -19.02
C TYR A 323 -6.40 18.02 -18.46
N ILE A 324 -5.09 18.21 -18.34
CA ILE A 324 -4.24 17.23 -17.65
C ILE A 324 -3.43 17.93 -16.58
N ASN A 325 -3.58 17.48 -15.32
CA ASN A 325 -2.66 17.91 -14.28
C ASN A 325 -1.46 16.95 -14.35
N ALA A 326 -0.36 17.46 -14.91
CA ALA A 326 0.85 16.67 -15.13
C ALA A 326 1.56 16.34 -13.82
N HIS A 327 2.22 15.18 -13.77
CA HIS A 327 3.11 14.90 -12.65
C HIS A 327 4.31 15.87 -12.64
N ALA A 328 4.75 16.28 -13.83
CA ALA A 328 5.94 17.13 -14.06
C ALA A 328 6.50 17.83 -12.82
N THR A 329 7.61 17.30 -12.32
CA THR A 329 8.16 17.77 -11.05
C THR A 329 9.25 18.82 -11.21
N SER A 330 9.58 19.19 -12.45
CA SER A 330 10.68 20.14 -12.76
C SER A 330 12.04 19.43 -12.93
N THR A 331 12.04 18.28 -13.63
CA THR A 331 13.27 17.54 -13.92
C THR A 331 13.49 17.52 -15.43
N PRO A 332 14.76 17.60 -15.88
CA PRO A 332 15.01 17.53 -17.31
C PRO A 332 14.33 16.34 -17.99
N LEU A 333 14.65 15.14 -17.55
CA LEU A 333 14.17 13.96 -18.24
C LEU A 333 12.69 13.72 -18.00
N GLY A 334 12.26 13.77 -16.74
CA GLY A 334 10.87 13.45 -16.39
C GLY A 334 9.84 14.31 -17.09
N ASP A 335 10.04 15.64 -17.06
CA ASP A 335 9.09 16.56 -17.68
C ASP A 335 8.99 16.31 -19.19
N ALA A 336 10.13 16.09 -19.84
CA ALA A 336 10.16 15.84 -21.29
C ALA A 336 9.46 14.54 -21.65
N ALA A 337 9.67 13.52 -20.82
CA ALA A 337 9.07 12.20 -21.04
C ALA A 337 7.55 12.23 -20.92
N GLU A 338 7.03 12.92 -19.90
CA GLU A 338 5.57 13.02 -19.73
C GLU A 338 4.95 13.80 -20.92
N ASN A 339 5.61 14.89 -21.30
CA ASN A 339 5.20 15.67 -22.46
C ASN A 339 5.14 14.78 -23.71
N LYS A 340 6.16 13.94 -23.89
CA LYS A 340 6.17 13.00 -25.04
C LYS A 340 4.99 12.04 -24.98
N ALA A 341 4.72 11.48 -23.80
CA ALA A 341 3.61 10.55 -23.64
C ALA A 341 2.28 11.22 -24.02
N ILE A 342 2.08 12.43 -23.52
CA ILE A 342 0.87 13.21 -23.82
C ILE A 342 0.76 13.43 -25.33
N LYS A 343 1.85 13.85 -25.96
CA LYS A 343 1.80 14.09 -27.40
C LYS A 343 1.56 12.82 -28.20
N HIS A 344 2.20 11.73 -27.79
CA HIS A 344 2.02 10.45 -28.46
C HIS A 344 0.59 9.94 -28.33
N LEU A 345 0.01 10.07 -27.14
CA LEU A 345 -1.34 9.54 -26.93
C LEU A 345 -2.43 10.40 -27.59
N PHE A 346 -2.35 11.72 -27.40
CA PHE A 346 -3.43 12.62 -27.84
C PHE A 346 -3.26 13.10 -29.28
N LYS A 347 -2.07 12.89 -29.84
CA LYS A 347 -1.76 13.29 -31.22
C LYS A 347 -2.15 14.77 -31.41
N ASP A 348 -2.86 15.12 -32.48
CA ASP A 348 -3.19 16.52 -32.71
C ASP A 348 -4.12 17.13 -31.65
N HIS A 349 -4.87 16.28 -30.97
CA HIS A 349 -5.74 16.75 -29.88
C HIS A 349 -4.91 17.30 -28.71
N ALA A 350 -3.64 16.91 -28.63
CA ALA A 350 -2.74 17.48 -27.61
C ALA A 350 -2.72 19.01 -27.64
N TYR A 351 -2.96 19.59 -28.82
CA TYR A 351 -2.96 21.06 -28.96
C TYR A 351 -4.28 21.71 -28.57
N ALA A 352 -5.30 20.89 -28.33
CA ALA A 352 -6.63 21.37 -27.99
C ALA A 352 -6.86 21.35 -26.47
N LEU A 353 -6.08 20.55 -25.76
CA LEU A 353 -6.27 20.51 -24.32
C LEU A 353 -5.30 21.45 -23.61
N ALA A 354 -5.38 21.51 -22.29
CA ALA A 354 -4.45 22.27 -21.48
C ALA A 354 -3.80 21.32 -20.49
N VAL A 355 -2.56 21.60 -20.15
CA VAL A 355 -1.76 20.78 -19.26
C VAL A 355 -1.16 21.76 -18.26
N SER A 356 -1.22 21.46 -16.98
CA SER A 356 -0.44 22.28 -16.05
C SER A 356 0.12 21.39 -14.94
N SER A 357 1.25 21.83 -14.39
CA SER A 357 1.80 21.21 -13.19
C SER A 357 1.73 22.21 -12.06
N THR A 358 1.17 21.74 -10.95
CA THR A 358 0.96 22.61 -9.79
C THR A 358 2.09 22.47 -8.76
N LYS A 359 3.15 21.73 -9.13
CA LYS A 359 4.25 21.52 -8.19
C LYS A 359 5.08 22.79 -7.98
N GLY A 360 4.97 23.75 -8.88
CA GLY A 360 5.58 25.06 -8.67
C GLY A 360 4.99 25.76 -7.45
N ALA A 361 3.74 25.43 -7.12
CA ALA A 361 3.05 26.05 -5.99
C ALA A 361 3.22 25.26 -4.69
N THR A 362 3.09 23.94 -4.76
CA THR A 362 3.10 23.11 -3.58
C THR A 362 4.48 22.51 -3.27
N GLY A 363 5.35 22.48 -4.27
CA GLY A 363 6.50 21.58 -4.19
C GLY A 363 5.99 20.16 -4.46
N HIS A 364 6.93 19.21 -4.40
CA HIS A 364 6.61 17.82 -4.66
C HIS A 364 6.23 17.18 -3.32
N LEU A 365 4.95 16.85 -3.14
CA LEU A 365 4.50 16.32 -1.85
C LEU A 365 4.67 14.81 -1.71
N LEU A 366 5.44 14.23 -2.63
CA LEU A 366 5.85 12.83 -2.53
C LEU A 366 4.62 11.93 -2.48
N GLY A 367 4.45 11.16 -1.42
CA GLY A 367 3.26 10.29 -1.32
C GLY A 367 1.91 11.04 -1.30
N ALA A 368 1.95 12.34 -0.97
CA ALA A 368 0.73 13.14 -0.98
C ALA A 368 0.48 13.79 -2.34
N ALA A 369 1.48 13.78 -3.22
CA ALA A 369 1.42 14.54 -4.47
C ALA A 369 0.23 14.12 -5.32
N GLY A 370 0.02 12.82 -5.47
CA GLY A 370 -1.05 12.37 -6.36
C GLY A 370 -2.43 12.69 -5.80
N ALA A 371 -2.52 12.79 -4.47
CA ALA A 371 -3.81 13.10 -3.83
C ALA A 371 -4.08 14.61 -3.91
N VAL A 372 -3.06 15.43 -3.62
CA VAL A 372 -3.24 16.89 -3.73
C VAL A 372 -3.61 17.27 -5.15
N GLU A 373 -2.94 16.60 -6.10
CA GLU A 373 -3.18 16.93 -7.51
C GLU A 373 -4.50 16.35 -8.02
N ALA A 374 -4.95 15.22 -7.43
CA ALA A 374 -6.34 14.74 -7.66
C ALA A 374 -7.35 15.77 -7.13
N ALA A 375 -7.07 16.36 -5.98
CA ALA A 375 -7.93 17.39 -5.38
C ALA A 375 -7.97 18.59 -6.31
N PHE A 376 -6.81 19.00 -6.81
CA PHE A 376 -6.77 20.17 -7.72
C PHE A 376 -7.50 19.91 -9.04
N THR A 377 -7.38 18.69 -9.56
CA THR A 377 -8.06 18.33 -10.81
C THR A 377 -9.58 18.30 -10.59
N THR A 378 -9.98 17.79 -9.42
CA THR A 378 -11.38 17.78 -9.01
C THR A 378 -11.95 19.21 -8.97
N LEU A 379 -11.22 20.10 -8.32
CA LEU A 379 -11.63 21.52 -8.26
C LEU A 379 -11.60 22.21 -9.61
N ALA A 380 -10.64 21.85 -10.47
CA ALA A 380 -10.64 22.35 -11.84
C ALA A 380 -11.94 21.98 -12.56
N CYS A 381 -12.40 20.73 -12.40
CA CYS A 381 -13.69 20.29 -12.97
C CYS A 381 -14.87 21.11 -12.40
N TYR A 382 -14.86 21.29 -11.09
CA TYR A 382 -15.97 21.94 -10.39
C TYR A 382 -16.12 23.40 -10.78
N TYR A 383 -14.99 24.10 -10.78
CA TYR A 383 -14.92 25.55 -11.10
C TYR A 383 -14.73 25.86 -12.58
N GLN A 384 -14.37 24.85 -13.38
CA GLN A 384 -14.01 25.06 -14.80
C GLN A 384 -12.96 26.16 -14.95
N LYS A 385 -11.92 26.03 -14.14
CA LYS A 385 -10.85 27.01 -14.09
C LYS A 385 -9.58 26.21 -13.85
N LEU A 386 -8.52 26.57 -14.56
CA LEU A 386 -7.29 25.80 -14.53
C LEU A 386 -6.18 26.53 -13.80
N PRO A 387 -5.52 25.85 -12.85
CA PRO A 387 -4.41 26.44 -12.13
C PRO A 387 -3.16 26.53 -13.00
N PRO A 388 -2.35 27.58 -12.81
CA PRO A 388 -1.19 27.80 -13.69
C PRO A 388 -0.01 26.90 -13.41
N THR A 389 0.86 26.75 -14.42
CA THR A 389 2.23 26.28 -14.18
C THR A 389 3.08 27.51 -13.87
N LEU A 390 3.56 27.60 -12.62
CA LEU A 390 4.33 28.76 -12.20
C LEU A 390 5.71 28.76 -12.87
N ASN A 391 6.27 29.97 -13.02
CA ASN A 391 7.65 30.18 -13.51
C ASN A 391 7.92 29.87 -14.98
N LEU A 392 6.89 29.49 -15.73
CA LEU A 392 7.09 29.12 -17.13
C LEU A 392 6.98 30.35 -18.00
N ASP A 393 8.02 31.18 -17.95
CA ASP A 393 8.03 32.41 -18.76
C ASP A 393 8.60 32.20 -20.16
N CYS A 394 9.15 31.01 -20.40
CA CYS A 394 9.61 30.56 -21.72
C CYS A 394 9.78 29.04 -21.75
N SER A 395 9.96 28.47 -22.94
CA SER A 395 10.19 27.02 -23.06
C SER A 395 10.98 26.61 -24.30
N GLU A 396 11.44 25.37 -24.29
CA GLU A 396 12.14 24.75 -25.41
C GLU A 396 11.16 24.36 -26.51
N PRO A 397 11.66 24.18 -27.75
CA PRO A 397 10.83 23.78 -28.91
C PRO A 397 9.90 22.60 -28.62
N GLU A 398 10.41 21.57 -27.95
CA GLU A 398 9.61 20.35 -27.72
C GLU A 398 8.39 20.59 -26.84
N PHE A 399 8.46 21.62 -25.99
CA PHE A 399 7.34 21.93 -25.11
C PHE A 399 6.50 22.96 -25.84
N ASP A 400 5.54 22.49 -26.63
CA ASP A 400 4.74 23.41 -27.49
C ASP A 400 3.23 23.42 -27.20
N LEU A 401 2.84 22.79 -26.08
CA LEU A 401 1.43 22.72 -25.70
C LEU A 401 1.01 23.98 -24.91
N ASN A 402 -0.26 24.03 -24.52
CA ASN A 402 -0.75 25.06 -23.60
C ASN A 402 -0.50 24.53 -22.18
N TYR A 403 0.50 25.05 -21.50
CA TYR A 403 0.79 24.60 -20.12
C TYR A 403 0.20 25.53 -19.05
N VAL A 404 -0.81 26.31 -19.45
CA VAL A 404 -1.37 27.32 -18.53
C VAL A 404 -0.23 28.11 -17.85
N PRO A 405 0.70 28.67 -18.65
CA PRO A 405 1.85 29.32 -18.00
C PRO A 405 1.46 30.56 -17.18
N LEU A 406 2.03 30.67 -15.99
CA LEU A 406 1.98 31.88 -15.15
C LEU A 406 0.64 32.26 -14.52
N LYS A 407 -0.44 32.25 -15.31
CA LYS A 407 -1.74 32.74 -14.88
C LYS A 407 -2.85 31.72 -15.08
N ALA A 408 -3.74 31.59 -14.11
CA ALA A 408 -4.92 30.71 -14.25
C ALA A 408 -5.72 31.03 -15.53
N GLN A 409 -6.33 30.01 -16.12
CA GLN A 409 -7.19 30.16 -17.30
C GLN A 409 -8.60 29.65 -17.01
N GLU A 410 -9.59 30.42 -17.43
CA GLU A 410 -10.97 29.96 -17.42
C GLU A 410 -11.06 28.87 -18.49
N TRP A 411 -11.87 27.84 -18.22
CA TRP A 411 -12.06 26.78 -19.22
C TRP A 411 -13.52 26.36 -19.35
N LYS A 412 -14.35 27.28 -19.86
CA LYS A 412 -15.80 27.08 -19.93
C LYS A 412 -16.31 26.91 -21.38
N THR A 413 -16.14 25.70 -21.93
CA THR A 413 -16.57 25.42 -23.29
C THR A 413 -16.59 23.95 -23.67
N GLU A 414 -16.89 23.69 -24.94
CA GLU A 414 -16.91 22.33 -25.49
C GLU A 414 -18.11 21.53 -25.02
N LYS A 415 -17.83 20.34 -24.47
CA LYS A 415 -18.85 19.52 -23.83
C LYS A 415 -18.54 19.31 -22.36
N ARG A 416 -18.63 18.06 -21.93
CA ARG A 416 -18.30 17.74 -20.54
C ARG A 416 -16.83 18.07 -20.27
N PHE A 417 -16.55 18.63 -19.09
CA PHE A 417 -15.17 18.90 -18.67
C PHE A 417 -14.61 17.60 -18.09
N ILE A 418 -13.58 17.07 -18.73
CA ILE A 418 -12.95 15.82 -18.27
C ILE A 418 -11.45 16.05 -18.15
N GLY A 419 -10.91 15.69 -16.99
CA GLY A 419 -9.50 15.83 -16.72
C GLY A 419 -8.78 14.52 -16.44
N LEU A 420 -7.46 14.56 -16.62
CA LEU A 420 -6.58 13.48 -16.14
C LEU A 420 -5.60 14.05 -15.16
N THR A 421 -5.20 13.24 -14.19
CA THR A 421 -4.09 13.61 -13.32
C THR A 421 -3.14 12.44 -13.26
N ASN A 422 -1.86 12.71 -13.50
CA ASN A 422 -0.84 11.65 -13.59
C ASN A 422 0.10 11.65 -12.39
N SER A 423 0.50 10.46 -11.93
CA SER A 423 1.53 10.35 -10.92
C SER A 423 2.49 9.22 -11.24
N PHE A 424 3.79 9.51 -11.11
CA PHE A 424 4.83 8.51 -11.41
C PHE A 424 5.80 8.40 -10.25
N GLY A 425 6.32 7.21 -10.03
CA GLY A 425 7.12 6.95 -8.83
C GLY A 425 8.37 6.18 -9.14
N PHE A 426 9.35 6.24 -8.23
CA PHE A 426 10.50 5.36 -8.29
C PHE A 426 10.00 3.92 -8.37
N GLY A 427 10.77 3.08 -9.04
CA GLY A 427 10.37 1.69 -9.30
C GLY A 427 9.52 1.60 -10.55
N GLY A 428 9.38 2.72 -11.26
CA GLY A 428 8.61 2.76 -12.51
C GLY A 428 7.11 2.61 -12.35
N THR A 429 6.60 2.92 -11.16
CA THR A 429 5.17 2.73 -10.89
C THR A 429 4.36 3.97 -11.32
N ASN A 430 3.32 3.74 -12.12
CA ASN A 430 2.57 4.82 -12.77
C ASN A 430 1.08 4.69 -12.53
N ALA A 431 0.40 5.83 -12.37
CA ALA A 431 -1.06 5.82 -12.26
C ALA A 431 -1.65 7.10 -12.84
N THR A 432 -2.84 6.94 -13.44
CA THR A 432 -3.59 8.10 -13.91
C THR A 432 -5.02 7.98 -13.39
N LEU A 433 -5.60 9.11 -13.01
CA LEU A 433 -7.03 9.16 -12.64
C LEU A 433 -7.75 10.04 -13.66
N CYS A 434 -8.96 9.62 -14.03
CA CYS A 434 -9.80 10.42 -14.93
C CYS A 434 -10.98 10.90 -14.10
N ILE A 435 -11.15 12.23 -14.04
CA ILE A 435 -12.11 12.87 -13.16
C ILE A 435 -12.86 13.89 -14.01
N ALA A 436 -14.18 13.96 -13.83
CA ALA A 436 -15.02 14.78 -14.73
C ALA A 436 -16.00 15.65 -13.96
N GLY A 437 -16.39 16.78 -14.56
CA GLY A 437 -17.49 17.58 -14.01
C GLY A 437 -18.81 16.82 -14.10
N LEU A 438 -19.80 17.27 -13.32
CA LEU A 438 -21.15 16.73 -13.39
C LEU A 438 -22.17 17.82 -13.68
N ILE B 13 -27.06 8.83 -15.10
CA ILE B 13 -28.23 8.16 -14.47
C ILE B 13 -27.82 7.39 -13.20
N GLU B 14 -27.34 6.15 -13.38
CA GLU B 14 -26.96 5.27 -12.29
C GLU B 14 -25.88 4.29 -12.78
N GLY B 15 -25.49 3.35 -11.91
CA GLY B 15 -24.48 2.35 -12.25
C GLY B 15 -24.92 1.38 -13.34
N ARG B 16 -23.96 0.95 -14.14
CA ARG B 16 -24.20 -0.05 -15.18
C ARG B 16 -23.82 -1.43 -14.64
N SER B 17 -23.73 -2.42 -15.52
CA SER B 17 -23.04 -3.65 -15.15
C SER B 17 -21.83 -3.88 -16.05
N ARG B 18 -20.78 -4.45 -15.44
N ARG B 18 -20.76 -4.41 -15.44
CA ARG B 18 -19.55 -4.75 -16.14
CA ARG B 18 -19.52 -4.73 -16.14
C ARG B 18 -19.19 -6.20 -15.89
C ARG B 18 -19.14 -6.17 -15.86
N LEU B 19 -18.42 -6.78 -16.80
CA LEU B 19 -17.93 -8.14 -16.62
C LEU B 19 -16.95 -8.20 -15.47
N HIS B 20 -17.16 -9.16 -14.58
CA HIS B 20 -16.23 -9.48 -13.50
C HIS B 20 -15.64 -10.85 -13.84
N ARG B 21 -14.39 -10.87 -14.27
CA ARG B 21 -13.75 -12.10 -14.71
C ARG B 21 -13.35 -13.00 -13.54
N ARG B 22 -13.15 -14.28 -13.84
CA ARG B 22 -12.73 -15.25 -12.84
C ARG B 22 -11.22 -15.31 -12.77
N VAL B 23 -10.72 -15.57 -11.56
CA VAL B 23 -9.29 -15.48 -11.28
C VAL B 23 -8.82 -16.73 -10.57
N VAL B 24 -7.76 -17.32 -11.08
CA VAL B 24 -7.18 -18.55 -10.50
C VAL B 24 -5.71 -18.37 -10.13
N ILE B 25 -5.21 -19.28 -9.30
CA ILE B 25 -3.82 -19.24 -8.87
C ILE B 25 -3.07 -20.35 -9.59
N THR B 26 -2.02 -19.98 -10.33
CA THR B 26 -1.33 -20.96 -11.17
C THR B 26 0.11 -21.16 -10.76
N GLY B 27 0.60 -20.41 -9.76
CA GLY B 27 1.95 -20.60 -9.31
C GLY B 27 2.17 -20.01 -7.93
N ILE B 28 3.09 -20.61 -7.19
CA ILE B 28 3.40 -20.15 -5.82
C ILE B 28 4.91 -20.22 -5.63
N GLY B 29 5.49 -19.18 -5.06
CA GLY B 29 6.91 -19.20 -4.70
C GLY B 29 7.05 -18.81 -3.24
N LEU B 30 7.73 -19.66 -2.45
CA LEU B 30 7.84 -19.47 -1.01
C LEU B 30 9.29 -19.43 -0.58
N VAL B 31 9.64 -18.37 0.15
CA VAL B 31 10.95 -18.23 0.81
C VAL B 31 10.64 -18.00 2.29
N THR B 32 10.86 -19.03 3.13
CA THR B 32 10.27 -18.97 4.49
C THR B 32 11.21 -19.62 5.51
N PRO B 33 10.93 -19.42 6.81
CA PRO B 33 11.69 -20.14 7.85
C PRO B 33 11.56 -21.67 7.82
N LEU B 34 10.58 -22.20 7.08
CA LEU B 34 10.49 -23.64 6.84
C LEU B 34 11.33 -24.10 5.66
N GLY B 35 11.89 -23.14 4.93
CA GLY B 35 12.68 -23.44 3.77
C GLY B 35 12.24 -22.67 2.55
N VAL B 36 12.91 -22.96 1.45
CA VAL B 36 12.69 -22.34 0.16
C VAL B 36 12.16 -23.39 -0.82
N GLY B 37 11.11 -23.02 -1.56
CA GLY B 37 10.46 -23.94 -2.50
C GLY B 37 9.10 -24.33 -1.98
N THR B 38 8.07 -23.97 -2.74
CA THR B 38 6.70 -24.15 -2.32
C THR B 38 6.39 -25.59 -1.87
N HIS B 39 6.79 -26.56 -2.67
CA HIS B 39 6.35 -27.94 -2.40
C HIS B 39 7.13 -28.61 -1.27
N LEU B 40 8.41 -28.23 -1.17
CA LEU B 40 9.23 -28.66 -0.03
CA LEU B 40 9.24 -28.65 -0.04
C LEU B 40 8.65 -28.06 1.25
N VAL B 41 8.29 -26.77 1.21
CA VAL B 41 7.73 -26.12 2.40
C VAL B 41 6.40 -26.75 2.81
N TRP B 42 5.55 -27.02 1.83
CA TRP B 42 4.27 -27.69 2.11
C TRP B 42 4.50 -29.04 2.79
N ASP B 43 5.40 -29.85 2.23
CA ASP B 43 5.74 -31.15 2.83
C ASP B 43 6.19 -31.02 4.28
N ARG B 44 7.06 -30.05 4.54
CA ARG B 44 7.56 -29.80 5.90
C ARG B 44 6.45 -29.29 6.83
N LEU B 45 5.61 -28.40 6.31
CA LEU B 45 4.46 -27.88 7.04
C LEU B 45 3.52 -29.02 7.45
N ILE B 46 3.13 -29.82 6.46
CA ILE B 46 2.22 -30.95 6.69
C ILE B 46 2.86 -31.96 7.66
N GLY B 47 4.19 -32.10 7.59
CA GLY B 47 4.90 -33.02 8.48
C GLY B 47 5.09 -32.53 9.90
N GLY B 48 4.63 -31.30 10.16
CA GLY B 48 4.66 -30.73 11.52
C GLY B 48 5.97 -30.06 11.90
N GLU B 49 6.75 -29.65 10.90
CA GLU B 49 8.01 -28.97 11.16
C GLU B 49 7.83 -27.49 11.53
N SER B 50 8.87 -26.91 12.13
CA SER B 50 8.87 -25.50 12.50
C SER B 50 10.25 -24.88 12.30
N GLY B 51 10.27 -23.59 11.93
CA GLY B 51 11.53 -22.89 11.75
C GLY B 51 11.84 -21.91 12.89
N ILE B 52 11.15 -22.04 14.01
CA ILE B 52 11.43 -21.15 15.13
C ILE B 52 12.69 -21.62 15.88
N VAL B 53 13.58 -20.67 16.15
CA VAL B 53 14.88 -20.93 16.78
C VAL B 53 15.17 -19.90 17.87
N SER B 54 16.16 -20.19 18.72
CA SER B 54 16.63 -19.20 19.70
C SER B 54 17.45 -18.14 19.01
N LEU B 55 17.34 -16.90 19.48
CA LEU B 55 18.27 -15.85 19.10
C LEU B 55 19.67 -16.18 19.61
N VAL B 56 20.68 -15.75 18.87
CA VAL B 56 22.07 -15.91 19.27
C VAL B 56 22.76 -14.55 19.18
N GLY B 57 23.55 -14.24 20.20
CA GLY B 57 24.36 -13.04 20.17
C GLY B 57 24.08 -12.09 21.30
N GLU B 58 25.15 -11.48 21.80
CA GLU B 58 25.07 -10.51 22.89
C GLU B 58 24.19 -9.31 22.53
N GLU B 59 24.05 -9.02 21.24
CA GLU B 59 23.30 -7.83 20.82
C GLU B 59 21.80 -7.92 21.14
N TYR B 60 21.32 -9.12 21.44
CA TYR B 60 19.92 -9.30 21.81
C TYR B 60 19.74 -9.25 23.32
N LYS B 61 20.84 -9.01 24.02
CA LYS B 61 20.79 -8.84 25.44
C LYS B 61 19.92 -7.65 25.76
N SER B 62 19.10 -7.89 26.76
CA SER B 62 18.24 -6.90 27.41
C SER B 62 16.81 -6.95 26.89
N ILE B 63 16.62 -7.58 25.73
CA ILE B 63 15.29 -7.67 25.08
C ILE B 63 14.50 -8.85 25.65
N PRO B 64 13.24 -8.62 26.08
CA PRO B 64 12.42 -9.71 26.66
C PRO B 64 12.18 -10.93 25.77
N CYS B 65 12.23 -10.76 24.45
CA CYS B 65 12.03 -11.87 23.52
CA CYS B 65 12.03 -11.88 23.52
C CYS B 65 13.38 -12.48 23.15
N SER B 66 13.45 -13.81 23.10
CA SER B 66 14.70 -14.49 22.77
C SER B 66 14.58 -15.57 21.69
N VAL B 67 13.55 -15.46 20.84
CA VAL B 67 13.33 -16.40 19.75
C VAL B 67 12.89 -15.63 18.50
N ALA B 68 13.10 -16.25 17.34
CA ALA B 68 12.66 -15.70 16.06
C ALA B 68 12.62 -16.84 15.04
N ALA B 69 12.16 -16.55 13.83
CA ALA B 69 12.15 -17.55 12.77
C ALA B 69 12.86 -16.99 11.54
N TYR B 70 14.00 -17.60 11.19
CA TYR B 70 14.81 -17.11 10.07
C TYR B 70 14.67 -18.01 8.85
N VAL B 71 14.76 -17.42 7.67
CA VAL B 71 14.94 -18.19 6.44
C VAL B 71 16.32 -18.87 6.49
N PRO B 72 16.36 -20.20 6.35
CA PRO B 72 17.65 -20.89 6.36
C PRO B 72 18.46 -20.55 5.10
N ARG B 73 19.71 -20.15 5.31
CA ARG B 73 20.55 -19.65 4.24
C ARG B 73 21.66 -20.64 3.94
N GLY B 74 22.02 -20.76 2.66
CA GLY B 74 23.04 -21.71 2.23
C GLY B 74 22.80 -22.26 0.84
N SER B 75 23.60 -23.25 0.45
N SER B 75 23.60 -23.24 0.45
CA SER B 75 23.59 -23.80 -0.90
CA SER B 75 23.58 -23.79 -0.91
C SER B 75 22.78 -25.08 -1.06
C SER B 75 22.82 -25.11 -1.06
N ASP B 76 22.33 -25.65 0.05
CA ASP B 76 21.55 -26.90 0.03
C ASP B 76 20.15 -26.66 -0.54
N GLU B 77 19.60 -27.67 -1.21
CA GLU B 77 18.20 -27.67 -1.62
C GLU B 77 17.32 -27.31 -0.42
N GLY B 78 16.45 -26.32 -0.59
CA GLY B 78 15.59 -25.92 0.51
C GLY B 78 16.13 -24.70 1.26
N GLN B 79 17.39 -24.37 1.02
CA GLN B 79 17.98 -23.18 1.65
C GLN B 79 17.99 -22.00 0.69
N PHE B 80 18.11 -20.79 1.25
CA PHE B 80 18.11 -19.57 0.44
C PHE B 80 19.53 -19.11 0.11
N ASN B 81 19.83 -19.07 -1.17
CA ASN B 81 21.11 -18.54 -1.63
C ASN B 81 20.83 -17.33 -2.51
N GLU B 82 21.08 -16.14 -1.95
CA GLU B 82 20.78 -14.88 -2.64
C GLU B 82 21.38 -14.82 -4.03
N GLN B 83 22.59 -15.37 -4.17
CA GLN B 83 23.33 -15.33 -5.44
C GLN B 83 22.63 -16.10 -6.55
N ASN B 84 21.72 -17.01 -6.19
CA ASN B 84 20.92 -17.68 -7.19
C ASN B 84 19.95 -16.71 -7.89
N PHE B 85 19.71 -15.54 -7.29
CA PHE B 85 18.63 -14.68 -7.75
C PHE B 85 19.10 -13.28 -8.15
N VAL B 86 20.07 -12.76 -7.42
CA VAL B 86 20.58 -11.42 -7.67
C VAL B 86 22.11 -11.42 -7.66
N SER B 87 22.72 -10.53 -8.44
CA SER B 87 24.17 -10.44 -8.53
C SER B 87 24.76 -9.76 -7.29
N LYS B 88 26.08 -9.86 -7.12
CA LYS B 88 26.75 -9.27 -5.96
C LYS B 88 26.55 -7.75 -5.91
N SER B 89 26.59 -7.11 -7.07
CA SER B 89 26.36 -5.67 -7.18
C SER B 89 24.93 -5.31 -6.83
N ASP B 90 23.99 -6.14 -7.28
CA ASP B 90 22.58 -5.92 -6.98
C ASP B 90 22.31 -6.03 -5.50
N ILE B 91 23.01 -6.94 -4.82
CA ILE B 91 22.89 -7.10 -3.36
C ILE B 91 23.10 -5.76 -2.63
N LYS B 92 24.14 -5.03 -3.01
CA LYS B 92 24.48 -3.78 -2.33
C LYS B 92 23.40 -2.71 -2.49
N SER B 93 22.66 -2.76 -3.59
CA SER B 93 21.68 -1.73 -3.92
C SER B 93 20.23 -2.05 -3.50
N MET B 94 19.97 -3.28 -3.08
CA MET B 94 18.61 -3.62 -2.65
C MET B 94 18.56 -4.16 -1.23
N SER B 95 17.39 -4.00 -0.60
CA SER B 95 17.17 -4.42 0.78
C SER B 95 16.93 -5.94 0.86
N SER B 96 17.11 -6.50 2.06
CA SER B 96 16.89 -7.94 2.25
C SER B 96 15.47 -8.40 1.84
N PRO B 97 14.40 -7.67 2.26
CA PRO B 97 13.05 -8.08 1.82
C PRO B 97 12.85 -8.03 0.30
N THR B 98 13.49 -7.06 -0.35
CA THR B 98 13.44 -6.97 -1.80
C THR B 98 14.07 -8.21 -2.43
N ILE B 99 15.24 -8.61 -1.93
CA ILE B 99 15.94 -9.80 -2.44
C ILE B 99 15.09 -11.06 -2.24
N MET B 100 14.51 -11.22 -1.05
CA MET B 100 13.61 -12.35 -0.82
C MET B 100 12.39 -12.35 -1.78
N ALA B 101 11.85 -11.16 -2.05
CA ALA B 101 10.71 -11.04 -2.96
C ALA B 101 11.09 -11.45 -4.37
N ILE B 102 12.29 -11.06 -4.83
CA ILE B 102 12.76 -11.44 -6.16
C ILE B 102 12.91 -12.96 -6.24
N GLY B 103 13.48 -13.57 -5.20
CA GLY B 103 13.57 -15.04 -5.13
C GLY B 103 12.20 -15.69 -5.19
N ALA B 104 11.28 -15.22 -4.35
CA ALA B 104 9.95 -15.83 -4.31
C ALA B 104 9.25 -15.66 -5.67
N ALA B 105 9.41 -14.48 -6.27
CA ALA B 105 8.78 -14.19 -7.56
C ALA B 105 9.34 -15.12 -8.65
N GLU B 106 10.65 -15.28 -8.67
CA GLU B 106 11.30 -16.19 -9.61
C GLU B 106 10.70 -17.58 -9.46
N LEU B 107 10.59 -18.06 -8.22
CA LEU B 107 10.08 -19.41 -7.98
C LEU B 107 8.61 -19.54 -8.37
N ALA B 108 7.83 -18.49 -8.10
CA ALA B 108 6.40 -18.47 -8.43
C ALA B 108 6.19 -18.54 -9.93
N MET B 109 6.93 -17.72 -10.68
CA MET B 109 6.82 -17.70 -12.14
CA MET B 109 6.78 -17.73 -12.13
C MET B 109 7.27 -19.04 -12.74
N LYS B 110 8.31 -19.64 -12.16
CA LYS B 110 8.77 -20.96 -12.62
C LYS B 110 7.68 -22.00 -12.32
N ASP B 111 7.08 -21.90 -11.12
CA ASP B 111 5.98 -22.78 -10.73
C ASP B 111 4.79 -22.62 -11.67
N SER B 112 4.51 -21.39 -12.12
CA SER B 112 3.41 -21.09 -13.02
C SER B 112 3.68 -21.40 -14.50
N GLY B 113 4.96 -21.37 -14.92
CA GLY B 113 5.30 -21.48 -16.32
C GLY B 113 5.05 -20.20 -17.10
N TRP B 114 4.96 -19.08 -16.38
CA TRP B 114 4.69 -17.78 -16.98
C TRP B 114 5.92 -16.91 -16.97
N HIS B 115 6.49 -16.66 -18.17
CA HIS B 115 7.70 -15.87 -18.30
C HIS B 115 7.49 -14.96 -19.51
N PRO B 116 6.81 -13.81 -19.30
CA PRO B 116 6.40 -12.98 -20.43
C PRO B 116 7.58 -12.45 -21.24
N GLN B 117 7.51 -12.61 -22.56
CA GLN B 117 8.60 -12.16 -23.43
C GLN B 117 8.12 -11.10 -24.41
N SER B 118 6.94 -11.31 -24.99
CA SER B 118 6.36 -10.38 -25.95
C SER B 118 5.88 -9.14 -25.22
N GLU B 119 5.86 -8.01 -25.91
CA GLU B 119 5.35 -6.78 -25.32
C GLU B 119 3.92 -6.98 -24.80
N ALA B 120 3.09 -7.69 -25.56
CA ALA B 120 1.70 -7.92 -25.17
C ALA B 120 1.59 -8.69 -23.86
N ASP B 121 2.38 -9.75 -23.72
CA ASP B 121 2.39 -10.54 -22.48
C ASP B 121 2.97 -9.73 -21.32
N GLN B 122 3.97 -8.91 -21.62
CA GLN B 122 4.59 -8.03 -20.62
CA GLN B 122 4.56 -8.08 -20.58
C GLN B 122 3.59 -7.02 -20.06
N VAL B 123 2.87 -6.35 -20.97
CA VAL B 123 1.89 -5.35 -20.51
C VAL B 123 0.68 -5.96 -19.82
N ALA B 124 0.40 -7.23 -20.11
CA ALA B 124 -0.76 -7.92 -19.53
C ALA B 124 -0.44 -8.45 -18.13
N THR B 125 0.82 -8.32 -17.72
CA THR B 125 1.29 -8.90 -16.45
C THR B 125 1.78 -7.80 -15.51
N GLY B 126 1.13 -7.68 -14.37
CA GLY B 126 1.51 -6.69 -13.37
C GLY B 126 2.09 -7.31 -12.11
N VAL B 127 2.38 -6.44 -11.15
CA VAL B 127 3.02 -6.85 -9.89
CA VAL B 127 2.97 -6.88 -9.89
C VAL B 127 2.32 -6.13 -8.74
N ALA B 128 2.00 -6.84 -7.67
CA ALA B 128 1.44 -6.24 -6.48
C ALA B 128 2.10 -6.96 -5.31
N ILE B 129 3.25 -6.45 -4.90
CA ILE B 129 3.99 -7.02 -3.76
C ILE B 129 4.14 -5.95 -2.71
N GLY B 130 3.67 -6.26 -1.50
CA GLY B 130 3.78 -5.29 -0.41
C GLY B 130 4.87 -5.66 0.58
N MET B 131 5.22 -4.70 1.43
CA MET B 131 6.21 -4.88 2.47
C MET B 131 5.70 -4.16 3.71
N GLY B 132 5.71 -4.83 4.85
CA GLY B 132 5.17 -4.22 6.06
C GLY B 132 6.04 -3.15 6.69
N MET B 133 7.37 -3.29 6.62
CA MET B 133 8.25 -2.36 7.31
C MET B 133 9.51 -2.04 6.52
N ILE B 134 9.94 -0.78 6.60
CA ILE B 134 11.21 -0.38 6.02
C ILE B 134 12.35 -1.14 6.68
N PRO B 135 13.44 -1.34 5.92
CA PRO B 135 14.62 -1.96 6.53
C PRO B 135 15.29 -0.99 7.52
N LEU B 136 14.97 -1.15 8.80
CA LEU B 136 15.37 -0.18 9.85
C LEU B 136 16.88 -0.04 9.95
N GLU B 137 17.58 -1.15 9.77
CA GLU B 137 19.03 -1.16 9.91
C GLU B 137 19.73 -0.42 8.75
N VAL B 138 19.13 -0.44 7.57
CA VAL B 138 19.66 0.34 6.46
C VAL B 138 19.56 1.83 6.78
N VAL B 139 18.43 2.25 7.37
CA VAL B 139 18.26 3.64 7.76
C VAL B 139 19.28 4.03 8.85
N SER B 140 19.38 3.22 9.90
CA SER B 140 20.23 3.63 11.02
C SER B 140 21.72 3.63 10.68
N GLU B 141 22.15 2.66 9.87
CA GLU B 141 23.55 2.56 9.43
CA GLU B 141 23.56 2.58 9.46
C GLU B 141 23.92 3.74 8.52
N THR B 142 23.01 4.07 7.61
CA THR B 142 23.22 5.21 6.72
C THR B 142 23.25 6.53 7.49
N ALA B 143 22.35 6.68 8.46
CA ALA B 143 22.34 7.89 9.29
C ALA B 143 23.68 8.06 9.99
N LEU B 144 24.21 6.95 10.53
CA LEU B 144 25.50 7.02 11.22
C LEU B 144 26.61 7.38 10.25
N ASN B 145 26.62 6.75 9.08
CA ASN B 145 27.56 7.05 8.00
CA ASN B 145 27.57 7.08 8.03
C ASN B 145 27.49 8.54 7.61
N PHE B 146 26.27 9.02 7.38
CA PHE B 146 26.03 10.43 7.03
C PHE B 146 26.50 11.40 8.11
N GLN B 147 26.19 11.08 9.37
CA GLN B 147 26.52 11.95 10.51
C GLN B 147 28.02 11.96 10.81
N THR B 148 28.72 10.87 10.51
CA THR B 148 30.14 10.75 10.85
C THR B 148 31.07 11.07 9.69
N LYS B 149 30.71 10.58 8.50
CA LYS B 149 31.59 10.65 7.34
C LYS B 149 31.09 11.61 6.25
N GLY B 150 29.85 12.06 6.40
CA GLY B 150 29.34 13.16 5.61
C GLY B 150 28.49 12.78 4.41
N TYR B 151 28.02 13.81 3.71
CA TYR B 151 27.15 13.69 2.55
C TYR B 151 27.60 12.69 1.49
N ASN B 152 28.88 12.76 1.11
CA ASN B 152 29.43 11.93 0.02
C ASN B 152 29.45 10.44 0.31
N LYS B 153 29.26 10.09 1.57
CA LYS B 153 29.28 8.68 1.95
C LYS B 153 27.89 8.03 1.85
N VAL B 154 26.85 8.84 1.68
CA VAL B 154 25.50 8.32 1.45
C VAL B 154 25.45 7.71 0.05
N SER B 155 25.00 6.47 -0.04
CA SER B 155 24.86 5.80 -1.32
C SER B 155 23.77 6.48 -2.18
N PRO B 156 24.04 6.66 -3.49
CA PRO B 156 23.00 7.16 -4.39
C PRO B 156 21.81 6.21 -4.42
N PHE B 157 22.05 4.97 -3.98
CA PHE B 157 20.99 3.95 -3.95
C PHE B 157 20.16 3.98 -2.68
N PHE B 158 20.50 4.86 -1.74
CA PHE B 158 19.86 4.84 -0.40
C PHE B 158 18.34 4.91 -0.45
N VAL B 159 17.80 5.94 -1.11
CA VAL B 159 16.35 6.09 -1.15
C VAL B 159 15.66 4.91 -1.85
N PRO B 160 16.07 4.57 -3.10
CA PRO B 160 15.44 3.39 -3.72
C PRO B 160 15.63 2.10 -2.96
N LYS B 161 16.74 1.97 -2.24
CA LYS B 161 16.96 0.80 -1.42
C LYS B 161 15.92 0.66 -0.30
N ILE B 162 15.52 1.78 0.31
CA ILE B 162 14.69 1.76 1.52
C ILE B 162 13.16 1.85 1.34
N LEU B 163 12.71 2.19 0.14
CA LEU B 163 11.26 2.37 -0.13
C LEU B 163 10.51 1.06 -0.12
N VAL B 164 9.31 1.09 0.48
CA VAL B 164 8.47 -0.09 0.61
C VAL B 164 8.06 -0.68 -0.76
N ASN B 165 7.96 0.17 -1.78
CA ASN B 165 7.45 -0.31 -3.06
C ASN B 165 8.52 -0.92 -3.94
N MET B 166 9.75 -0.96 -3.45
CA MET B 166 10.83 -1.39 -4.33
C MET B 166 10.95 -2.89 -4.53
N ALA B 167 10.28 -3.68 -3.69
CA ALA B 167 10.17 -5.13 -3.98
C ALA B 167 9.36 -5.31 -5.26
N ALA B 168 8.18 -4.67 -5.33
CA ALA B 168 7.37 -4.70 -6.54
C ALA B 168 8.11 -4.08 -7.73
N GLY B 169 8.79 -2.95 -7.50
CA GLY B 169 9.53 -2.30 -8.58
C GLY B 169 10.62 -3.17 -9.17
N GLN B 170 11.41 -3.80 -8.31
CA GLN B 170 12.53 -4.62 -8.77
C GLN B 170 12.02 -5.89 -9.43
N VAL B 171 10.97 -6.48 -8.88
CA VAL B 171 10.39 -7.64 -9.55
C VAL B 171 9.88 -7.27 -10.94
N SER B 172 9.22 -6.11 -11.06
CA SER B 172 8.75 -5.61 -12.35
C SER B 172 9.92 -5.42 -13.32
N ILE B 173 10.99 -4.77 -12.84
CA ILE B 173 12.14 -4.47 -13.72
C ILE B 173 12.85 -5.75 -14.15
N ARG B 174 13.05 -6.66 -13.20
CA ARG B 174 13.85 -7.84 -13.49
CA ARG B 174 13.84 -7.87 -13.45
C ARG B 174 13.10 -8.84 -14.34
N TYR B 175 11.78 -8.87 -14.23
CA TYR B 175 10.99 -9.82 -15.02
C TYR B 175 10.17 -9.20 -16.18
N LYS B 176 10.37 -7.90 -16.41
CA LYS B 176 9.73 -7.16 -17.50
C LYS B 176 8.21 -7.17 -17.38
N LEU B 177 7.71 -6.83 -16.19
CA LEU B 177 6.27 -6.88 -15.95
C LEU B 177 5.76 -5.45 -16.05
N LYS B 178 4.96 -5.19 -17.07
CA LYS B 178 4.64 -3.80 -17.44
C LYS B 178 3.21 -3.42 -17.10
N GLY B 179 2.46 -4.36 -16.51
CA GLY B 179 1.08 -4.06 -16.10
C GLY B 179 1.02 -3.26 -14.82
N PRO B 180 -0.17 -3.26 -14.19
CA PRO B 180 -0.30 -2.52 -12.92
C PRO B 180 0.84 -2.83 -11.96
N ASN B 181 1.39 -1.78 -11.33
CA ASN B 181 2.53 -1.90 -10.43
CA ASN B 181 2.50 -1.93 -10.41
C ASN B 181 2.10 -1.28 -9.11
N HIS B 182 1.82 -2.12 -8.11
CA HIS B 182 1.12 -1.66 -6.91
C HIS B 182 1.81 -2.26 -5.71
N ALA B 183 1.83 -1.53 -4.60
CA ALA B 183 2.46 -2.06 -3.41
C ALA B 183 1.70 -1.50 -2.23
N VAL B 184 1.22 -2.40 -1.40
CA VAL B 184 0.52 -1.97 -0.18
CA VAL B 184 0.49 -2.01 -0.18
C VAL B 184 1.43 -2.15 1.02
N SER B 185 1.16 -1.41 2.10
CA SER B 185 1.92 -1.59 3.30
C SER B 185 0.95 -1.41 4.46
N THR B 186 0.34 -2.53 4.85
CA THR B 186 -0.75 -2.52 5.84
C THR B 186 -0.37 -3.45 6.97
N ALA B 187 0.86 -3.26 7.47
CA ALA B 187 1.34 -4.01 8.61
C ALA B 187 1.18 -5.51 8.35
N CYS B 188 0.60 -6.25 9.30
CA CYS B 188 0.46 -7.69 9.14
C CYS B 188 -0.67 -8.16 8.18
N THR B 189 -1.39 -7.21 7.59
CA THR B 189 -2.43 -7.54 6.63
C THR B 189 -1.91 -7.43 5.16
N THR B 190 -0.72 -6.86 5.02
CA THR B 190 -0.10 -6.57 3.72
C THR B 190 -0.27 -7.70 2.69
N GLY B 191 0.16 -8.92 3.05
CA GLY B 191 0.21 -9.99 2.05
C GLY B 191 -1.17 -10.40 1.56
N ALA B 192 -2.17 -10.31 2.44
CA ALA B 192 -3.56 -10.59 2.09
C ALA B 192 -4.12 -9.52 1.16
N HIS B 193 -3.84 -8.25 1.48
CA HIS B 193 -4.30 -7.17 0.60
C HIS B 193 -3.65 -7.32 -0.77
N ALA B 194 -2.39 -7.70 -0.81
CA ALA B 194 -1.72 -7.82 -2.12
C ALA B 194 -2.39 -8.85 -3.03
N VAL B 195 -2.74 -9.99 -2.45
CA VAL B 195 -3.44 -11.03 -3.20
C VAL B 195 -4.83 -10.56 -3.58
N GLY B 196 -5.56 -9.96 -2.63
CA GLY B 196 -6.93 -9.50 -2.90
C GLY B 196 -6.97 -8.40 -3.95
N ASP B 197 -6.08 -7.42 -3.82
CA ASP B 197 -6.02 -6.32 -4.80
C ASP B 197 -5.71 -6.87 -6.20
N SER B 198 -4.81 -7.86 -6.27
CA SER B 198 -4.47 -8.49 -7.57
C SER B 198 -5.66 -9.21 -8.18
N PHE B 199 -6.40 -9.92 -7.34
CA PHE B 199 -7.64 -10.54 -7.73
C PHE B 199 -8.59 -9.51 -8.31
N ARG B 200 -8.77 -8.40 -7.60
CA ARG B 200 -9.70 -7.38 -8.10
C ARG B 200 -9.23 -6.79 -9.43
N PHE B 201 -7.93 -6.53 -9.56
CA PHE B 201 -7.40 -5.94 -10.81
C PHE B 201 -7.63 -6.87 -11.99
N ILE B 202 -7.37 -8.16 -11.79
CA ILE B 202 -7.61 -9.11 -12.88
C ILE B 202 -9.10 -9.25 -13.19
N ALA B 203 -9.93 -9.37 -12.15
CA ALA B 203 -11.39 -9.49 -12.37
C ALA B 203 -11.92 -8.27 -13.15
N HIS B 204 -11.34 -7.09 -12.85
CA HIS B 204 -11.75 -5.81 -13.44
C HIS B 204 -11.26 -5.64 -14.89
N GLY B 205 -10.22 -6.38 -15.25
CA GLY B 205 -9.67 -6.30 -16.62
C GLY B 205 -8.38 -5.47 -16.75
N ASP B 206 -7.79 -5.02 -15.63
CA ASP B 206 -6.57 -4.18 -15.73
C ASP B 206 -5.35 -5.01 -16.13
N ALA B 207 -5.40 -6.31 -15.89
CA ALA B 207 -4.30 -7.23 -16.20
C ALA B 207 -4.89 -8.62 -16.36
N ASP B 208 -4.17 -9.47 -17.09
CA ASP B 208 -4.53 -10.87 -17.17
C ASP B 208 -3.71 -11.76 -16.23
N VAL B 209 -2.55 -11.28 -15.79
CA VAL B 209 -1.72 -12.01 -14.82
C VAL B 209 -1.19 -10.98 -13.81
N MET B 210 -1.12 -11.35 -12.54
CA MET B 210 -0.50 -10.52 -11.52
C MET B 210 0.43 -11.38 -10.68
N VAL B 211 1.63 -10.89 -10.45
CA VAL B 211 2.60 -11.52 -9.56
C VAL B 211 2.42 -10.81 -8.20
N ALA B 212 1.80 -11.51 -7.24
CA ALA B 212 1.25 -10.86 -6.03
C ALA B 212 1.85 -11.45 -4.77
N GLY B 213 2.07 -10.62 -3.75
CA GLY B 213 2.47 -11.22 -2.49
C GLY B 213 3.01 -10.23 -1.51
N GLY B 214 3.81 -10.75 -0.58
CA GLY B 214 4.32 -9.90 0.50
C GLY B 214 5.70 -10.38 0.90
N THR B 215 6.45 -9.45 1.48
CA THR B 215 7.80 -9.72 1.96
C THR B 215 8.11 -8.92 3.23
N ASP B 216 8.96 -9.48 4.08
CA ASP B 216 9.50 -8.70 5.21
C ASP B 216 10.73 -9.45 5.71
N SER B 217 11.75 -8.66 6.06
CA SER B 217 12.99 -9.24 6.56
C SER B 217 13.63 -8.14 7.35
N CYS B 218 13.23 -8.06 8.61
CA CYS B 218 13.67 -6.95 9.44
C CYS B 218 13.95 -7.36 10.87
N ILE B 219 14.32 -8.63 11.10
CA ILE B 219 14.66 -9.10 12.43
C ILE B 219 16.00 -8.47 12.82
N SER B 220 15.98 -7.64 13.87
CA SER B 220 17.21 -7.00 14.35
C SER B 220 16.99 -6.63 15.80
N PRO B 221 18.08 -6.34 16.54
CA PRO B 221 17.86 -5.90 17.92
C PRO B 221 16.86 -4.75 18.03
N LEU B 222 16.97 -3.73 17.17
CA LEU B 222 16.05 -2.59 17.23
C LEU B 222 14.58 -2.96 16.96
N SER B 223 14.33 -3.78 15.94
CA SER B 223 12.96 -4.14 15.62
CA SER B 223 12.97 -4.18 15.60
C SER B 223 12.36 -5.03 16.71
N LEU B 224 13.14 -6.00 17.21
CA LEU B 224 12.67 -6.87 18.29
C LEU B 224 12.41 -6.03 19.53
N ALA B 225 13.27 -5.03 19.78
CA ALA B 225 13.05 -4.13 20.91
C ALA B 225 11.72 -3.40 20.73
N GLY B 226 11.45 -2.90 19.53
CA GLY B 226 10.24 -2.15 19.25
C GLY B 226 9.01 -3.01 19.50
N PHE B 227 9.00 -4.22 18.95
CA PHE B 227 7.83 -5.08 19.10
C PHE B 227 7.66 -5.56 20.54
N SER B 228 8.77 -5.84 21.23
CA SER B 228 8.71 -6.18 22.65
C SER B 228 8.16 -5.02 23.49
N ARG B 229 8.54 -3.79 23.15
CA ARG B 229 8.06 -2.61 23.89
C ARG B 229 6.55 -2.43 23.67
N ALA B 230 6.08 -2.81 22.48
CA ALA B 230 4.64 -2.81 22.20
C ALA B 230 3.91 -4.00 22.82
N ARG B 231 4.68 -4.86 23.51
CA ARG B 231 4.19 -6.04 24.21
C ARG B 231 3.55 -7.06 23.29
N ALA B 232 4.13 -7.17 22.09
CA ALA B 232 3.56 -8.04 21.07
C ALA B 232 4.20 -9.42 20.99
N LEU B 233 5.43 -9.56 21.48
CA LEU B 233 6.24 -10.76 21.23
C LEU B 233 6.23 -11.72 22.42
N SER B 234 6.37 -13.01 22.12
CA SER B 234 6.50 -14.05 23.16
C SER B 234 7.78 -13.83 23.94
N THR B 235 7.68 -13.99 25.26
CA THR B 235 8.83 -13.89 26.15
C THR B 235 9.39 -15.28 26.50
N ASN B 236 8.81 -16.34 25.93
CA ASN B 236 9.22 -17.71 26.20
C ASN B 236 10.59 -17.99 25.58
N SER B 237 11.52 -18.48 26.40
CA SER B 237 12.88 -18.71 25.90
C SER B 237 13.03 -20.02 25.14
N ASP B 238 12.02 -20.88 25.21
CA ASP B 238 12.06 -22.18 24.54
C ASP B 238 11.45 -22.06 23.14
N PRO B 239 12.28 -22.15 22.09
CA PRO B 239 11.79 -21.95 20.72
C PRO B 239 10.84 -23.07 20.28
N LYS B 240 10.91 -24.23 20.96
CA LYS B 240 10.00 -25.32 20.63
C LYS B 240 8.58 -25.00 21.08
N LEU B 241 8.44 -24.14 22.08
CA LEU B 241 7.15 -23.89 22.73
C LEU B 241 6.63 -22.46 22.62
N ALA B 242 7.48 -21.55 22.15
CA ALA B 242 7.16 -20.12 22.24
C ALA B 242 5.84 -19.77 21.54
N CYS B 243 5.70 -20.24 20.31
CA CYS B 243 4.51 -19.93 19.50
C CYS B 243 3.52 -21.08 19.58
N ARG B 244 2.37 -20.81 20.15
CA ARG B 244 1.38 -21.87 20.37
C ARG B 244 -0.04 -21.29 20.24
N PRO B 245 -0.47 -21.04 18.99
CA PRO B 245 -1.80 -20.43 18.80
C PRO B 245 -2.93 -21.22 19.50
N PHE B 246 -3.88 -20.48 20.09
CA PHE B 246 -5.05 -21.02 20.81
C PHE B 246 -4.72 -21.74 22.14
N HIS B 247 -3.44 -21.78 22.51
CA HIS B 247 -2.99 -22.52 23.70
C HIS B 247 -3.16 -21.67 24.95
N PRO B 248 -3.55 -22.28 26.09
CA PRO B 248 -3.70 -21.50 27.31
C PRO B 248 -2.48 -20.66 27.72
N LYS B 249 -1.28 -21.12 27.35
CA LYS B 249 -0.05 -20.45 27.77
C LYS B 249 0.50 -19.47 26.73
N ARG B 250 -0.25 -19.24 25.64
CA ARG B 250 0.20 -18.31 24.61
C ARG B 250 0.57 -16.95 25.23
N ASP B 251 1.62 -16.33 24.72
CA ASP B 251 2.16 -15.13 25.37
C ASP B 251 2.77 -14.12 24.42
N GLY B 252 2.35 -14.17 23.16
CA GLY B 252 2.80 -13.21 22.16
C GLY B 252 3.32 -13.93 20.94
N PHE B 253 3.49 -13.18 19.86
CA PHE B 253 3.91 -13.80 18.62
C PHE B 253 5.44 -13.94 18.48
N VAL B 254 5.86 -14.70 17.47
CA VAL B 254 7.28 -14.90 17.23
C VAL B 254 7.60 -14.31 15.86
N MET B 255 8.52 -13.37 15.83
CA MET B 255 8.82 -12.65 14.59
C MET B 255 9.57 -13.55 13.61
N GLY B 256 9.04 -13.62 12.39
CA GLY B 256 9.69 -14.32 11.29
C GLY B 256 10.07 -13.38 10.15
N GLU B 257 10.61 -13.97 9.09
CA GLU B 257 10.97 -13.21 7.90
C GLU B 257 10.73 -14.13 6.72
N GLY B 258 10.54 -13.53 5.56
CA GLY B 258 10.37 -14.32 4.35
C GLY B 258 9.56 -13.59 3.31
N ALA B 259 9.30 -14.28 2.21
CA ALA B 259 8.48 -13.69 1.15
C ALA B 259 7.63 -14.79 0.56
N ALA B 260 6.41 -14.44 0.15
CA ALA B 260 5.55 -15.41 -0.50
C ALA B 260 4.91 -14.69 -1.68
N VAL B 261 5.01 -15.30 -2.86
CA VAL B 261 4.48 -14.70 -4.08
C VAL B 261 3.60 -15.72 -4.76
N LEU B 262 2.45 -15.27 -5.28
CA LEU B 262 1.48 -16.12 -5.96
C LEU B 262 1.25 -15.52 -7.34
N VAL B 263 1.15 -16.37 -8.35
CA VAL B 263 0.80 -15.91 -9.69
C VAL B 263 -0.70 -16.11 -9.83
N LEU B 264 -1.43 -14.98 -9.88
CA LEU B 264 -2.87 -14.98 -10.15
C LEU B 264 -3.09 -14.71 -11.63
N GLU B 265 -4.13 -15.31 -12.20
CA GLU B 265 -4.30 -15.28 -13.64
C GLU B 265 -5.77 -15.40 -14.01
N GLU B 266 -6.19 -14.67 -15.02
CA GLU B 266 -7.56 -14.79 -15.49
C GLU B 266 -7.83 -16.23 -15.94
N TYR B 267 -9.03 -16.72 -15.66
CA TYR B 267 -9.34 -18.15 -15.82
C TYR B 267 -9.15 -18.63 -17.26
N GLU B 268 -9.75 -17.95 -18.23
CA GLU B 268 -9.62 -18.41 -19.62
CA GLU B 268 -9.62 -18.36 -19.64
C GLU B 268 -8.15 -18.36 -20.07
N HIS B 269 -7.42 -17.32 -19.65
CA HIS B 269 -5.99 -17.18 -19.96
C HIS B 269 -5.23 -18.42 -19.50
N ALA B 270 -5.51 -18.87 -18.27
CA ALA B 270 -4.87 -20.05 -17.71
C ALA B 270 -5.23 -21.31 -18.47
N VAL B 271 -6.51 -21.48 -18.77
CA VAL B 271 -7.02 -22.68 -19.43
C VAL B 271 -6.45 -22.81 -20.84
N GLN B 272 -6.36 -21.67 -21.55
CA GLN B 272 -5.89 -21.67 -22.93
C GLN B 272 -4.42 -22.09 -23.06
N ARG B 273 -3.60 -21.78 -22.05
CA ARG B 273 -2.19 -22.14 -22.11
C ARG B 273 -1.93 -23.43 -21.34
N ARG B 274 -3.00 -24.07 -20.88
CA ARG B 274 -2.92 -25.34 -20.16
C ARG B 274 -2.02 -25.25 -18.91
N ALA B 275 -2.20 -24.14 -18.19
CA ALA B 275 -1.58 -23.97 -16.88
C ALA B 275 -2.11 -24.97 -15.87
N ARG B 276 -1.28 -25.27 -14.87
CA ARG B 276 -1.74 -26.04 -13.72
CA ARG B 276 -1.75 -26.04 -13.71
C ARG B 276 -2.44 -25.05 -12.81
N ILE B 277 -3.68 -25.34 -12.46
CA ILE B 277 -4.47 -24.42 -11.65
C ILE B 277 -4.63 -25.03 -10.25
N TYR B 278 -4.19 -24.32 -9.22
CA TYR B 278 -4.32 -24.83 -7.87
C TYR B 278 -5.72 -24.60 -7.30
N ALA B 279 -6.25 -23.41 -7.54
CA ALA B 279 -7.50 -22.97 -6.87
C ALA B 279 -8.00 -21.72 -7.53
N GLU B 280 -9.25 -21.37 -7.22
CA GLU B 280 -9.84 -20.10 -7.65
C GLU B 280 -9.95 -19.11 -6.49
N VAL B 281 -9.64 -17.84 -6.75
CA VAL B 281 -9.91 -16.82 -5.72
C VAL B 281 -11.33 -16.39 -5.96
N LEU B 282 -12.17 -16.60 -4.95
CA LEU B 282 -13.59 -16.28 -5.10
C LEU B 282 -13.98 -14.92 -4.52
N GLY B 283 -13.33 -14.48 -3.45
CA GLY B 283 -13.79 -13.29 -2.74
C GLY B 283 -12.71 -12.67 -1.87
N TYR B 284 -12.91 -11.39 -1.56
CA TYR B 284 -11.95 -10.59 -0.83
C TYR B 284 -12.79 -9.64 0.00
N GLY B 285 -12.52 -9.62 1.30
CA GLY B 285 -13.27 -8.78 2.25
C GLY B 285 -12.29 -7.95 3.09
N LEU B 286 -12.68 -6.71 3.41
CA LEU B 286 -11.81 -5.77 4.11
C LEU B 286 -12.64 -5.05 5.17
N SER B 287 -12.00 -4.74 6.31
CA SER B 287 -12.67 -3.93 7.33
C SER B 287 -11.62 -3.26 8.21
N GLY B 288 -12.08 -2.35 9.05
CA GLY B 288 -11.27 -1.74 10.11
C GLY B 288 -11.97 -1.88 11.45
N ASP B 289 -11.22 -2.23 12.50
CA ASP B 289 -11.81 -2.29 13.86
C ASP B 289 -12.26 -0.91 14.32
N ALA B 290 -11.50 0.09 13.91
CA ALA B 290 -11.67 1.47 14.43
C ALA B 290 -11.66 1.49 15.95
N GLY B 291 -10.77 0.70 16.54
CA GLY B 291 -10.69 0.58 18.00
C GLY B 291 -9.40 1.10 18.61
N HIS B 292 -8.31 0.36 18.37
CA HIS B 292 -7.03 0.61 19.04
C HIS B 292 -5.91 0.37 18.04
N ILE B 293 -4.76 1.03 18.26
CA ILE B 293 -3.66 0.91 17.28
C ILE B 293 -2.96 -0.44 17.27
N THR B 294 -3.01 -1.18 18.37
CA THR B 294 -2.34 -2.48 18.42
C THR B 294 -3.23 -3.61 18.95
N ALA B 295 -4.16 -3.26 19.83
CA ALA B 295 -5.04 -4.26 20.42
C ALA B 295 -6.20 -4.53 19.48
N PRO B 296 -6.62 -5.79 19.36
CA PRO B 296 -7.73 -6.08 18.46
C PRO B 296 -9.08 -5.85 19.15
N ASP B 297 -10.15 -5.73 18.37
CA ASP B 297 -11.49 -5.64 18.92
CA ASP B 297 -11.48 -5.64 18.94
C ASP B 297 -11.73 -6.87 19.80
N PRO B 298 -11.96 -6.68 21.12
CA PRO B 298 -12.06 -7.90 21.95
C PRO B 298 -13.18 -8.87 21.57
N GLU B 299 -14.22 -8.35 20.93
CA GLU B 299 -15.34 -9.18 20.47
C GLU B 299 -15.09 -9.74 19.06
N GLY B 300 -14.04 -9.24 18.41
CA GLY B 300 -13.73 -9.67 17.05
C GLY B 300 -14.67 -9.14 15.97
N GLU B 301 -15.29 -7.99 16.23
CA GLU B 301 -16.31 -7.45 15.31
CA GLU B 301 -16.30 -7.46 15.32
C GLU B 301 -15.73 -7.15 13.93
N GLY B 302 -14.51 -6.63 13.89
CA GLY B 302 -13.89 -6.31 12.60
C GLY B 302 -13.59 -7.57 11.79
N ALA B 303 -13.09 -8.59 12.51
CA ALA B 303 -12.84 -9.89 11.89
C ALA B 303 -14.12 -10.50 11.33
N LEU B 304 -15.20 -10.44 12.10
CA LEU B 304 -16.49 -10.90 11.58
C LEU B 304 -16.86 -10.14 10.30
N ARG B 305 -16.72 -8.83 10.30
CA ARG B 305 -17.13 -8.04 9.12
C ARG B 305 -16.29 -8.35 7.87
N CYS B 306 -14.98 -8.53 8.04
CA CYS B 306 -14.17 -8.82 6.85
CA CYS B 306 -14.08 -8.86 6.97
C CYS B 306 -14.40 -10.23 6.34
N MET B 307 -14.62 -11.20 7.25
CA MET B 307 -14.97 -12.55 6.80
C MET B 307 -16.30 -12.53 6.07
N ALA B 308 -17.31 -11.89 6.68
CA ALA B 308 -18.61 -11.76 6.02
C ALA B 308 -18.52 -11.09 4.66
N ALA B 309 -17.69 -10.06 4.55
CA ALA B 309 -17.54 -9.35 3.27
C ALA B 309 -16.92 -10.26 2.20
N ALA B 310 -15.95 -11.07 2.64
CA ALA B 310 -15.31 -12.00 1.71
C ALA B 310 -16.33 -13.01 1.19
N LEU B 311 -17.16 -13.51 2.10
CA LEU B 311 -18.19 -14.46 1.72
C LEU B 311 -19.19 -13.80 0.75
N LYS B 312 -19.58 -12.55 1.03
CA LYS B 312 -20.50 -11.84 0.15
C LYS B 312 -19.90 -11.61 -1.26
N ASP B 313 -18.64 -11.21 -1.30
CA ASP B 313 -17.93 -11.02 -2.58
C ASP B 313 -17.92 -12.33 -3.36
N ALA B 314 -17.68 -13.43 -2.63
CA ALA B 314 -17.58 -14.76 -3.24
C ALA B 314 -18.94 -15.36 -3.63
N GLY B 315 -20.03 -14.82 -3.06
CA GLY B 315 -21.36 -15.40 -3.25
C GLY B 315 -21.45 -16.77 -2.60
N VAL B 316 -20.83 -16.89 -1.43
CA VAL B 316 -20.73 -18.15 -0.69
C VAL B 316 -21.42 -17.98 0.67
N GLN B 317 -22.18 -19.00 1.10
CA GLN B 317 -22.80 -18.96 2.43
C GLN B 317 -21.79 -19.47 3.46
N PRO B 318 -21.88 -19.00 4.72
CA PRO B 318 -21.00 -19.51 5.78
C PRO B 318 -20.95 -21.04 5.84
N GLU B 319 -22.09 -21.69 5.62
CA GLU B 319 -22.22 -23.14 5.72
C GLU B 319 -21.39 -23.91 4.70
N GLU B 320 -20.94 -23.21 3.65
CA GLU B 320 -20.16 -23.83 2.58
C GLU B 320 -18.64 -23.82 2.83
N ILE B 321 -18.20 -23.19 3.93
CA ILE B 321 -16.77 -23.10 4.23
C ILE B 321 -16.29 -24.36 4.94
N SER B 322 -15.21 -24.95 4.44
CA SER B 322 -14.60 -26.15 5.03
C SER B 322 -13.44 -25.85 5.99
N TYR B 323 -12.69 -24.79 5.71
CA TYR B 323 -11.43 -24.62 6.38
C TYR B 323 -11.14 -23.13 6.56
N ILE B 324 -10.66 -22.73 7.74
CA ILE B 324 -10.16 -21.36 7.92
C ILE B 324 -8.70 -21.39 8.35
N ASN B 325 -7.83 -20.73 7.59
CA ASN B 325 -6.47 -20.53 8.04
C ASN B 325 -6.52 -19.25 8.85
N ALA B 326 -6.47 -19.41 10.17
CA ALA B 326 -6.62 -18.30 11.07
C ALA B 326 -5.39 -17.42 11.06
N HIS B 327 -5.59 -16.14 11.35
CA HIS B 327 -4.46 -15.24 11.58
C HIS B 327 -3.68 -15.62 12.85
N ALA B 328 -4.43 -16.03 13.86
CA ALA B 328 -3.98 -16.37 15.23
C ALA B 328 -2.48 -16.48 15.40
N THR B 329 -1.89 -15.43 15.96
CA THR B 329 -0.43 -15.32 16.02
C THR B 329 0.15 -15.82 17.34
N SER B 330 -0.72 -16.27 18.26
CA SER B 330 -0.33 -16.76 19.60
C SER B 330 -0.32 -15.63 20.63
N THR B 331 -1.34 -14.78 20.57
CA THR B 331 -1.51 -13.71 21.57
C THR B 331 -2.73 -14.03 22.41
N PRO B 332 -2.67 -13.71 23.71
CA PRO B 332 -3.84 -13.86 24.57
C PRO B 332 -5.11 -13.24 23.98
N LEU B 333 -5.07 -11.95 23.65
CA LEU B 333 -6.28 -11.29 23.19
C LEU B 333 -6.61 -11.60 21.72
N GLY B 334 -5.58 -11.68 20.87
CA GLY B 334 -5.82 -11.82 19.42
C GLY B 334 -6.50 -13.13 19.08
N ASP B 335 -5.93 -14.23 19.58
CA ASP B 335 -6.43 -15.56 19.25
C ASP B 335 -7.87 -15.68 19.76
N ALA B 336 -8.12 -15.17 20.98
CA ALA B 336 -9.45 -15.23 21.55
C ALA B 336 -10.48 -14.46 20.71
N ALA B 337 -10.11 -13.27 20.25
CA ALA B 337 -11.02 -12.45 19.45
C ALA B 337 -11.38 -13.13 18.10
N GLU B 338 -10.38 -13.71 17.44
CA GLU B 338 -10.64 -14.36 16.16
C GLU B 338 -11.54 -15.57 16.37
N ASN B 339 -11.26 -16.33 17.41
CA ASN B 339 -12.07 -17.49 17.75
C ASN B 339 -13.52 -17.05 17.95
N LYS B 340 -13.70 -15.95 18.70
CA LYS B 340 -15.02 -15.38 18.92
C LYS B 340 -15.72 -15.01 17.62
N ALA B 341 -14.99 -14.34 16.72
CA ALA B 341 -15.55 -13.92 15.45
C ALA B 341 -16.02 -15.12 14.60
N ILE B 342 -15.20 -16.18 14.56
CA ILE B 342 -15.54 -17.40 13.83
C ILE B 342 -16.80 -18.03 14.40
N LYS B 343 -16.88 -18.10 15.72
CA LYS B 343 -18.06 -18.70 16.35
C LYS B 343 -19.32 -17.87 16.15
N HIS B 344 -19.16 -16.55 16.15
N HIS B 344 -19.15 -16.54 16.23
CA HIS B 344 -20.29 -15.67 15.96
CA HIS B 344 -20.21 -15.57 15.94
C HIS B 344 -20.78 -15.64 14.50
C HIS B 344 -20.75 -15.80 14.53
N LEU B 345 -19.86 -15.72 13.54
CA LEU B 345 -20.23 -15.77 12.13
C LEU B 345 -20.83 -17.10 11.69
N PHE B 346 -20.21 -18.20 12.10
CA PHE B 346 -20.53 -19.50 11.55
C PHE B 346 -21.53 -20.28 12.39
N LYS B 347 -21.78 -19.79 13.60
CA LYS B 347 -22.79 -20.40 14.49
C LYS B 347 -22.53 -21.91 14.63
N ASP B 348 -23.56 -22.74 14.47
CA ASP B 348 -23.39 -24.19 14.67
C ASP B 348 -22.38 -24.76 13.68
N HIS B 349 -22.29 -24.13 12.51
CA HIS B 349 -21.36 -24.59 11.47
C HIS B 349 -19.89 -24.45 11.90
N ALA B 350 -19.61 -23.62 12.90
CA ALA B 350 -18.23 -23.47 13.39
C ALA B 350 -17.68 -24.82 13.83
N TYR B 351 -18.56 -25.70 14.28
CA TYR B 351 -18.14 -27.02 14.76
C TYR B 351 -17.99 -28.04 13.64
N ALA B 352 -18.36 -27.63 12.43
CA ALA B 352 -18.36 -28.52 11.27
C ALA B 352 -17.23 -28.19 10.30
N LEU B 353 -16.54 -27.08 10.54
CA LEU B 353 -15.37 -26.73 9.74
C LEU B 353 -14.10 -27.03 10.55
N ALA B 354 -12.94 -26.79 9.94
CA ALA B 354 -11.68 -26.91 10.62
C ALA B 354 -10.99 -25.55 10.53
N VAL B 355 -10.24 -25.22 11.56
CA VAL B 355 -9.49 -23.96 11.64
C VAL B 355 -8.07 -24.38 11.96
N SER B 356 -7.05 -23.74 11.38
CA SER B 356 -5.72 -23.92 11.95
C SER B 356 -4.89 -22.68 11.74
N SER B 357 -3.90 -22.49 12.60
CA SER B 357 -2.93 -21.41 12.42
C SER B 357 -1.59 -22.04 12.18
N THR B 358 -0.95 -21.64 11.09
CA THR B 358 0.35 -22.19 10.69
C THR B 358 1.53 -21.36 11.21
N LYS B 359 1.26 -20.38 12.05
CA LYS B 359 2.32 -19.52 12.54
C LYS B 359 3.24 -20.25 13.54
N GLY B 360 2.76 -21.36 14.09
CA GLY B 360 3.62 -22.20 14.93
C GLY B 360 4.80 -22.76 14.14
N ALA B 361 4.62 -22.89 12.82
CA ALA B 361 5.62 -23.47 11.92
C ALA B 361 6.50 -22.40 11.30
N THR B 362 5.87 -21.34 10.78
CA THR B 362 6.61 -20.31 10.05
C THR B 362 7.07 -19.14 10.91
N GLY B 363 6.43 -18.97 12.08
CA GLY B 363 6.53 -17.72 12.82
C GLY B 363 5.61 -16.71 12.12
N HIS B 364 5.58 -15.51 12.66
CA HIS B 364 4.76 -14.45 12.07
C HIS B 364 5.60 -13.72 11.04
N LEU B 365 5.25 -13.91 9.75
CA LEU B 365 6.04 -13.33 8.66
C LEU B 365 5.67 -11.87 8.35
N LEU B 366 4.85 -11.26 9.21
CA LEU B 366 4.58 -9.81 9.16
C LEU B 366 3.95 -9.47 7.81
N GLY B 367 4.57 -8.62 6.98
CA GLY B 367 3.99 -8.30 5.66
C GLY B 367 3.81 -9.49 4.72
N ALA B 368 4.56 -10.57 4.96
CA ALA B 368 4.43 -11.77 4.12
C ALA B 368 3.42 -12.76 4.67
N ALA B 369 2.99 -12.58 5.92
CA ALA B 369 2.13 -13.58 6.59
C ALA B 369 0.86 -13.85 5.81
N GLY B 370 0.20 -12.81 5.30
CA GLY B 370 -1.10 -13.03 4.65
C GLY B 370 -0.93 -13.72 3.30
N ALA B 371 0.25 -13.54 2.69
CA ALA B 371 0.56 -14.17 1.38
C ALA B 371 0.98 -15.61 1.58
N VAL B 372 1.83 -15.88 2.59
CA VAL B 372 2.21 -17.26 2.86
C VAL B 372 0.99 -18.09 3.24
N GLU B 373 0.10 -17.48 4.02
CA GLU B 373 -1.10 -18.18 4.49
C GLU B 373 -2.14 -18.30 3.38
N ALA B 374 -2.21 -17.32 2.46
CA ALA B 374 -2.99 -17.52 1.23
C ALA B 374 -2.42 -18.70 0.41
N ALA B 375 -1.10 -18.80 0.34
CA ALA B 375 -0.47 -19.99 -0.31
C ALA B 375 -0.86 -21.31 0.37
N PHE B 376 -0.79 -21.36 1.70
CA PHE B 376 -1.14 -22.59 2.41
C PHE B 376 -2.62 -22.92 2.24
N THR B 377 -3.48 -21.90 2.22
CA THR B 377 -4.92 -22.15 2.03
C THR B 377 -5.20 -22.65 0.61
N THR B 378 -4.50 -22.09 -0.37
CA THR B 378 -4.57 -22.55 -1.76
C THR B 378 -4.17 -24.03 -1.84
N LEU B 379 -3.08 -24.40 -1.17
CA LEU B 379 -2.59 -25.79 -1.24
C LEU B 379 -3.51 -26.73 -0.47
N ALA B 380 -4.10 -26.23 0.61
CA ALA B 380 -5.10 -27.02 1.33
C ALA B 380 -6.29 -27.32 0.39
N CYS B 381 -6.70 -26.34 -0.41
CA CYS B 381 -7.78 -26.55 -1.39
C CYS B 381 -7.39 -27.60 -2.43
N TYR B 382 -6.18 -27.46 -2.96
CA TYR B 382 -5.70 -28.34 -4.02
C TYR B 382 -5.57 -29.78 -3.55
N TYR B 383 -5.04 -29.95 -2.34
CA TYR B 383 -4.81 -31.29 -1.77
C TYR B 383 -5.92 -31.84 -0.89
N GLN B 384 -6.86 -30.98 -0.49
CA GLN B 384 -7.88 -31.31 0.52
C GLN B 384 -7.21 -31.98 1.74
N LYS B 385 -6.17 -31.31 2.24
CA LYS B 385 -5.42 -31.73 3.41
C LYS B 385 -5.04 -30.46 4.19
N LEU B 386 -5.19 -30.55 5.51
CA LEU B 386 -5.10 -29.36 6.35
C LEU B 386 -3.88 -29.41 7.23
N PRO B 387 -3.10 -28.32 7.23
CA PRO B 387 -1.90 -28.28 8.05
C PRO B 387 -2.27 -28.05 9.52
N PRO B 388 -1.47 -28.60 10.42
CA PRO B 388 -1.81 -28.54 11.84
C PRO B 388 -1.50 -27.19 12.50
N THR B 389 -2.15 -26.96 13.64
CA THR B 389 -1.67 -25.96 14.58
C THR B 389 -0.70 -26.66 15.51
N LEU B 390 0.57 -26.23 15.47
CA LEU B 390 1.58 -26.80 16.36
C LEU B 390 1.39 -26.44 17.82
N ASN B 391 1.88 -27.32 18.69
CA ASN B 391 1.93 -27.08 20.14
C ASN B 391 0.59 -27.08 20.86
N LEU B 392 -0.51 -27.34 20.15
CA LEU B 392 -1.82 -27.30 20.79
C LEU B 392 -2.15 -28.64 21.46
N ASP B 393 -1.58 -28.86 22.64
CA ASP B 393 -1.78 -30.15 23.31
C ASP B 393 -2.99 -30.14 24.25
N CYS B 394 -3.47 -28.94 24.56
CA CYS B 394 -4.66 -28.75 25.38
C CYS B 394 -5.22 -27.37 25.08
N SER B 395 -6.45 -27.10 25.52
CA SER B 395 -7.04 -25.76 25.34
C SER B 395 -8.10 -25.44 26.37
N GLU B 396 -8.34 -24.14 26.59
CA GLU B 396 -9.40 -23.67 27.48
C GLU B 396 -10.77 -24.01 26.88
N PRO B 397 -11.82 -24.06 27.72
CA PRO B 397 -13.16 -24.39 27.24
C PRO B 397 -13.64 -23.47 26.12
N GLU B 398 -13.19 -22.21 26.10
CA GLU B 398 -13.64 -21.29 25.05
C GLU B 398 -13.08 -21.69 23.69
N PHE B 399 -11.94 -22.39 23.69
CA PHE B 399 -11.36 -22.88 22.44
C PHE B 399 -11.81 -24.32 22.19
N ASP B 400 -13.04 -24.44 21.69
CA ASP B 400 -13.72 -25.73 21.60
C ASP B 400 -13.96 -26.21 20.16
N LEU B 401 -13.28 -25.58 19.21
CA LEU B 401 -13.38 -25.96 17.80
C LEU B 401 -12.32 -27.01 17.44
N ASN B 402 -12.33 -27.45 16.17
CA ASN B 402 -11.28 -28.31 15.63
C ASN B 402 -10.20 -27.41 15.07
N TYR B 403 -9.08 -27.29 15.79
CA TYR B 403 -7.97 -26.43 15.33
C TYR B 403 -6.87 -27.23 14.68
N VAL B 404 -7.22 -28.43 14.21
CA VAL B 404 -6.25 -29.33 13.57
C VAL B 404 -5.01 -29.44 14.48
N PRO B 405 -5.23 -29.76 15.77
CA PRO B 405 -4.10 -29.75 16.70
C PRO B 405 -3.04 -30.78 16.37
N LEU B 406 -1.78 -30.33 16.35
CA LEU B 406 -0.59 -31.20 16.32
C LEU B 406 -0.25 -31.90 15.02
N LYS B 407 -1.27 -32.52 14.41
CA LYS B 407 -1.11 -33.43 13.29
C LYS B 407 -2.05 -33.02 12.14
N ALA B 408 -1.53 -33.08 10.91
CA ALA B 408 -2.30 -32.73 9.73
C ALA B 408 -3.53 -33.60 9.62
N GLN B 409 -4.61 -33.04 9.08
CA GLN B 409 -5.85 -33.79 8.85
C GLN B 409 -6.26 -33.83 7.39
N GLU B 410 -6.69 -34.99 6.93
CA GLU B 410 -7.34 -35.09 5.63
CA GLU B 410 -7.34 -35.10 5.63
C GLU B 410 -8.69 -34.40 5.76
N TRP B 411 -9.13 -33.74 4.70
CA TRP B 411 -10.45 -33.14 4.73
C TRP B 411 -11.17 -33.31 3.40
N LYS B 412 -11.64 -34.52 3.16
CA LYS B 412 -12.23 -34.87 1.87
C LYS B 412 -13.71 -34.50 1.83
N THR B 413 -14.10 -33.86 0.73
CA THR B 413 -15.50 -33.54 0.48
CA THR B 413 -15.50 -33.53 0.48
C THR B 413 -15.79 -33.73 -1.00
N GLU B 414 -17.01 -34.18 -1.30
CA GLU B 414 -17.43 -34.31 -2.69
C GLU B 414 -17.99 -32.98 -3.18
N LYS B 415 -18.45 -32.16 -2.24
CA LYS B 415 -18.82 -30.78 -2.54
C LYS B 415 -17.57 -29.92 -2.67
N ARG B 416 -17.74 -28.70 -3.15
CA ARG B 416 -16.59 -27.82 -3.36
C ARG B 416 -15.85 -27.53 -2.05
N PHE B 417 -14.52 -27.66 -2.09
CA PHE B 417 -13.70 -27.28 -0.93
C PHE B 417 -13.51 -25.77 -0.99
N ILE B 418 -13.99 -25.07 0.04
CA ILE B 418 -13.85 -23.61 0.08
C ILE B 418 -13.21 -23.23 1.41
N GLY B 419 -12.17 -22.42 1.33
CA GLY B 419 -11.47 -21.96 2.52
C GLY B 419 -11.44 -20.45 2.65
N LEU B 420 -11.19 -19.99 3.88
CA LEU B 420 -10.94 -18.58 4.13
C LEU B 420 -9.57 -18.48 4.72
N THR B 421 -8.93 -17.36 4.49
CA THR B 421 -7.69 -17.03 5.21
C THR B 421 -7.79 -15.60 5.72
N ASN B 422 -7.49 -15.40 7.02
CA ASN B 422 -7.63 -14.10 7.66
C ASN B 422 -6.31 -13.47 7.97
N SER B 423 -6.23 -12.14 7.84
CA SER B 423 -5.04 -11.40 8.26
C SER B 423 -5.46 -10.10 8.91
N PHE B 424 -4.91 -9.84 10.09
CA PHE B 424 -5.23 -8.62 10.83
C PHE B 424 -3.92 -7.92 11.15
N GLY B 425 -3.98 -6.60 11.26
CA GLY B 425 -2.76 -5.86 11.51
C GLY B 425 -2.95 -4.72 12.49
N PHE B 426 -1.83 -4.22 13.02
CA PHE B 426 -1.82 -2.97 13.78
C PHE B 426 -2.53 -1.90 12.98
N GLY B 427 -3.27 -1.02 13.66
CA GLY B 427 -4.11 -0.03 12.98
C GLY B 427 -5.52 -0.55 12.83
N GLY B 428 -5.73 -1.80 13.24
CA GLY B 428 -7.06 -2.42 13.14
C GLY B 428 -7.47 -2.79 11.74
N THR B 429 -6.48 -2.99 10.87
CA THR B 429 -6.75 -3.24 9.45
C THR B 429 -6.91 -4.75 9.25
N ASN B 430 -8.02 -5.15 8.64
CA ASN B 430 -8.38 -6.56 8.53
C ASN B 430 -8.68 -6.94 7.07
N ALA B 431 -8.35 -8.17 6.69
CA ALA B 431 -8.71 -8.71 5.38
C ALA B 431 -8.92 -10.21 5.46
N THR B 432 -9.85 -10.70 4.63
CA THR B 432 -10.07 -12.13 4.44
C THR B 432 -10.08 -12.42 2.95
N LEU B 433 -9.49 -13.56 2.55
CA LEU B 433 -9.62 -14.05 1.18
C LEU B 433 -10.37 -15.37 1.22
N CYS B 434 -11.26 -15.55 0.25
CA CYS B 434 -12.05 -16.78 0.09
C CYS B 434 -11.47 -17.45 -1.16
N ILE B 435 -10.97 -18.67 -0.96
CA ILE B 435 -10.24 -19.42 -2.02
C ILE B 435 -10.86 -20.81 -2.08
N ALA B 436 -11.00 -21.34 -3.30
CA ALA B 436 -11.74 -22.61 -3.49
C ALA B 436 -11.07 -23.55 -4.47
N GLY B 437 -11.21 -24.85 -4.22
CA GLY B 437 -10.78 -25.86 -5.19
C GLY B 437 -11.55 -25.75 -6.49
N LEU B 438 -10.97 -26.34 -7.54
CA LEU B 438 -11.62 -26.46 -8.85
C LEU B 438 -11.77 -27.92 -9.25
CA 6NA C . 10.28 9.67 -4.97
C 6NA C . 8.95 9.54 -5.71
O 6NA C . 8.80 8.59 -6.46
CB 6NA C . 10.45 8.56 -3.94
CG 6NA C . 9.21 8.44 -3.05
CD 6NA C . 9.34 9.19 -1.73
C6 6NA C . 8.09 8.90 -0.92
N NH4 D . -0.64 15.11 -11.25
CA 6NA E . 2.64 -6.10 13.29
C 6NA E . 1.55 -6.61 12.38
O 6NA E . 0.47 -6.01 12.25
CB 6NA E . 3.23 -4.80 12.75
CG 6NA E . 3.55 -4.82 11.25
CD 6NA E . 4.98 -5.23 10.90
C6 6NA E . 5.12 -5.25 9.40
N NH4 F . -4.20 -16.56 7.86
#